data_6I55
#
_entry.id   6I55
#
_cell.length_a   50.842
_cell.length_b   158.422
_cell.length_c   62.252
_cell.angle_alpha   90.00
_cell.angle_beta   106.56
_cell.angle_gamma   90.00
#
_symmetry.space_group_name_H-M   'P 1 21 1'
#
loop_
_entity.id
_entity.type
_entity.pdbx_description
1 polymer 'Dihydroorotate dehydrogenase (quinone), mitochondrial'
2 non-polymer 'FLAVIN MONONUCLEOTIDE'
3 non-polymer 'OROTIC ACID'
4 non-polymer N-(2,2-Diphenylethyl)-4-hydroxy-1,2,5-thiadiazole-3-carboxamide
5 water water
#
_entity_poly.entity_id   1
_entity_poly.type   'polypeptide(L)'
_entity_poly.pdbx_seq_one_letter_code
;MHHHHHHSSGVDLGTENLYFQSMFESYNPEFFLYDIFLKFCLKYIDGEICHDLFLLLGKYNILPYDTSNDSIYACTNIKH
LDFINPFGVAAGFDKNGVCIDSILKLGFSFIEIGTITPRGQTGNAKPRIFRDVESRSIINSCGFNNMGCDKVTENLILFR
KRQEEDKLLSKHIVGVSIGKNKDTVNIVDDLKYCINKIGRYADYIAINVSSPNTPGLRDNQEAGKLKNIILSVKEEIDNL
EKNNIMNDEFLWFNTTKKKPLVFVKLAPDLNQEQKKEIADVLLETNIDGMIISNTTTQINDIKSFENKKGGVSGAKLKDI
STKFICEMYNYTNKQIPIIASGGIFSGLDALEKIEAGASVCQLYSCLVFNGMKSAVQIKRELNHLLYQRGYYNLKEAIGR
KHSKS
;
_entity_poly.pdbx_strand_id   A,B
#
loop_
_chem_comp.id
_chem_comp.type
_chem_comp.name
_chem_comp.formula
DZB non-polymer N-(2,2-Diphenylethyl)-4-hydroxy-1,2,5-thiadiazole-3-carboxamide 'C17 H15 N3 O2 S'
FMN non-polymer 'FLAVIN MONONUCLEOTIDE' 'C17 H21 N4 O9 P'
ORO non-polymer 'OROTIC ACID' 'C5 H4 N2 O4'
#
# COMPACT_ATOMS: atom_id res chain seq x y z
N GLU A 25 -39.47 -20.61 -3.72
CA GLU A 25 -38.77 -19.89 -4.78
C GLU A 25 -37.76 -18.91 -4.19
N SER A 26 -36.82 -19.47 -3.42
CA SER A 26 -35.76 -18.67 -2.78
C SER A 26 -34.86 -17.97 -3.79
N TYR A 27 -34.86 -18.41 -5.05
CA TYR A 27 -34.02 -17.79 -6.07
C TYR A 27 -34.54 -16.43 -6.54
N ASN A 28 -35.80 -16.09 -6.23
CA ASN A 28 -36.41 -14.85 -6.71
C ASN A 28 -35.98 -13.70 -5.81
N PRO A 29 -35.43 -12.61 -6.35
CA PRO A 29 -34.94 -11.53 -5.48
C PRO A 29 -36.03 -10.85 -4.67
N GLU A 30 -37.30 -10.99 -5.05
CA GLU A 30 -38.41 -10.45 -4.28
C GLU A 30 -38.98 -11.43 -3.27
N PHE A 31 -38.37 -12.61 -3.12
CA PHE A 31 -38.81 -13.59 -2.12
C PHE A 31 -38.98 -12.93 -0.76
N PHE A 32 -40.14 -13.19 -0.12
CA PHE A 32 -40.57 -12.40 1.02
C PHE A 32 -39.56 -12.41 2.17
N LEU A 33 -38.84 -13.51 2.37
CA LEU A 33 -38.00 -13.64 3.57
C LEU A 33 -36.81 -12.67 3.53
N TYR A 34 -36.35 -12.26 2.35
CA TYR A 34 -35.15 -11.44 2.28
C TYR A 34 -35.33 -10.10 2.98
N ASP A 35 -36.51 -9.49 2.82
CA ASP A 35 -36.79 -8.20 3.45
C ASP A 35 -36.90 -8.34 4.96
N ILE A 36 -37.47 -9.44 5.44
CA ILE A 36 -37.58 -9.66 6.88
C ILE A 36 -36.19 -9.72 7.50
N PHE A 37 -35.28 -10.50 6.92
CA PHE A 37 -33.89 -10.48 7.38
C PHE A 37 -33.30 -9.08 7.34
N LEU A 38 -33.56 -8.34 6.26
CA LEU A 38 -32.93 -7.03 6.08
C LEU A 38 -33.35 -6.05 7.17
N LYS A 39 -34.66 -5.95 7.44
CA LYS A 39 -35.11 -5.06 8.49
C LYS A 39 -34.44 -5.39 9.82
N PHE A 40 -34.29 -6.68 10.12
CA PHE A 40 -33.62 -7.11 11.33
C PHE A 40 -32.16 -6.69 11.33
N CYS A 41 -31.47 -6.89 10.21
CA CYS A 41 -30.04 -6.60 10.16
C CYS A 41 -29.76 -5.10 10.23
N LEU A 42 -30.57 -4.28 9.55
CA LEU A 42 -30.38 -2.83 9.62
C LEU A 42 -30.61 -2.32 11.03
N LYS A 43 -31.39 -3.06 11.82
CA LYS A 43 -31.69 -2.67 13.19
C LYS A 43 -30.59 -3.07 14.17
N TYR A 44 -30.10 -4.32 14.08
CA TYR A 44 -29.32 -4.91 15.16
C TYR A 44 -27.88 -5.26 14.82
N ILE A 45 -27.50 -5.29 13.54
CA ILE A 45 -26.19 -5.80 13.13
C ILE A 45 -25.37 -4.68 12.53
N ASP A 46 -24.07 -4.69 12.84
CA ASP A 46 -23.13 -3.73 12.31
C ASP A 46 -23.18 -3.69 10.78
N GLY A 47 -23.16 -2.47 10.23
CA GLY A 47 -23.29 -2.30 8.79
C GLY A 47 -22.23 -3.04 7.97
N GLU A 48 -20.96 -2.79 8.28
CA GLU A 48 -19.93 -3.46 7.48
C GLU A 48 -19.98 -4.97 7.65
N ILE A 49 -20.34 -5.45 8.84
CA ILE A 49 -20.49 -6.89 9.05
C ILE A 49 -21.55 -7.45 8.12
N CYS A 50 -22.70 -6.76 8.03
CA CYS A 50 -23.73 -7.18 7.08
C CYS A 50 -23.19 -7.23 5.66
N HIS A 51 -22.36 -6.23 5.29
CA HIS A 51 -21.86 -6.21 3.93
C HIS A 51 -20.89 -7.35 3.69
N ASP A 52 -20.04 -7.67 4.67
CA ASP A 52 -19.10 -8.78 4.54
C ASP A 52 -19.85 -10.08 4.28
N LEU A 53 -20.97 -10.29 4.97
CA LEU A 53 -21.75 -11.52 4.84
C LEU A 53 -22.34 -11.64 3.44
N PHE A 54 -22.89 -10.55 2.92
CA PHE A 54 -23.37 -10.56 1.55
C PHE A 54 -22.28 -10.99 0.57
N LEU A 55 -21.10 -10.36 0.68
CA LEU A 55 -20.01 -10.66 -0.25
C LEU A 55 -19.61 -12.13 -0.20
N LEU A 56 -19.67 -12.74 0.97
CA LEU A 56 -19.24 -14.13 1.12
C LEU A 56 -20.26 -15.08 0.52
N LEU A 57 -21.56 -14.76 0.66
CA LEU A 57 -22.59 -15.51 -0.05
C LEU A 57 -22.37 -15.48 -1.55
N GLY A 58 -22.06 -14.30 -2.10
CA GLY A 58 -21.88 -14.19 -3.54
C GLY A 58 -20.79 -15.10 -4.08
N LYS A 59 -19.72 -15.29 -3.30
CA LYS A 59 -18.64 -16.18 -3.74
C LYS A 59 -19.16 -17.58 -4.06
N TYR A 60 -20.13 -18.06 -3.28
CA TYR A 60 -20.64 -19.43 -3.42
C TYR A 60 -21.84 -19.54 -4.35
N ASN A 61 -22.27 -18.43 -4.95
CA ASN A 61 -23.36 -18.43 -5.94
C ASN A 61 -24.66 -19.00 -5.37
N ILE A 62 -25.05 -18.50 -4.19
CA ILE A 62 -26.30 -18.88 -3.55
C ILE A 62 -27.28 -17.71 -3.45
N LEU A 63 -26.88 -16.52 -3.86
CA LEU A 63 -27.76 -15.36 -3.82
C LEU A 63 -28.90 -15.54 -4.81
N PRO A 64 -30.02 -14.85 -4.60
CA PRO A 64 -31.09 -14.86 -5.62
C PRO A 64 -30.63 -14.16 -6.87
N TYR A 65 -31.34 -14.41 -7.98
CA TYR A 65 -30.96 -13.84 -9.26
C TYR A 65 -32.22 -13.44 -10.02
N ASP A 66 -32.08 -12.43 -10.86
CA ASP A 66 -33.18 -11.90 -11.66
C ASP A 66 -33.11 -12.48 -13.06
N THR A 67 -34.16 -13.19 -13.44
CA THR A 67 -34.24 -13.84 -14.74
C THR A 67 -35.19 -13.12 -15.68
N SER A 68 -35.57 -11.89 -15.35
CA SER A 68 -36.41 -11.12 -16.26
C SER A 68 -35.60 -10.62 -17.46
N ASN A 69 -36.28 -10.52 -18.60
CA ASN A 69 -35.69 -9.92 -19.79
C ASN A 69 -35.83 -8.41 -19.68
N ASP A 70 -34.71 -7.70 -19.79
CA ASP A 70 -34.80 -6.26 -19.68
C ASP A 70 -35.44 -5.66 -20.92
N SER A 71 -36.15 -4.56 -20.73
CA SER A 71 -36.82 -3.89 -21.83
C SER A 71 -35.79 -3.23 -22.74
N ILE A 72 -35.87 -3.51 -24.05
CA ILE A 72 -34.92 -2.88 -24.97
C ILE A 72 -35.16 -1.38 -25.03
N TYR A 73 -36.33 -0.91 -24.59
CA TYR A 73 -36.63 0.52 -24.60
C TYR A 73 -36.04 1.25 -23.40
N ALA A 74 -35.36 0.54 -22.49
CA ALA A 74 -34.69 1.18 -21.37
C ALA A 74 -33.19 0.95 -21.40
N CYS A 75 -32.65 0.44 -22.51
CA CYS A 75 -31.20 0.37 -22.66
C CYS A 75 -30.65 1.79 -22.83
N THR A 76 -29.33 1.91 -22.68
CA THR A 76 -28.69 3.21 -22.81
C THR A 76 -27.23 2.95 -23.17
N ASN A 77 -26.53 4.00 -23.58
CA ASN A 77 -25.14 3.85 -23.96
C ASN A 77 -24.35 5.08 -23.54
N ILE A 78 -23.06 4.87 -23.31
CA ILE A 78 -22.06 5.95 -23.24
C ILE A 78 -21.00 5.58 -24.27
N LYS A 79 -20.93 6.34 -25.37
CA LYS A 79 -20.10 5.99 -26.53
C LYS A 79 -20.39 4.53 -26.88
N HIS A 80 -19.39 3.65 -26.97
CA HIS A 80 -19.63 2.26 -27.36
C HIS A 80 -20.03 1.36 -26.21
N LEU A 81 -20.11 1.86 -24.97
CA LEU A 81 -20.59 1.06 -23.86
C LEU A 81 -22.09 0.89 -23.97
N ASP A 82 -22.56 -0.32 -24.27
CA ASP A 82 -23.99 -0.56 -24.49
C ASP A 82 -24.57 -1.21 -23.25
N PHE A 83 -25.22 -0.41 -22.40
CA PHE A 83 -25.76 -0.92 -21.14
C PHE A 83 -27.13 -1.56 -21.42
N ILE A 84 -27.31 -2.81 -21.01
CA ILE A 84 -28.57 -3.51 -21.28
C ILE A 84 -29.71 -2.93 -20.46
N ASN A 85 -29.41 -2.26 -19.36
CA ASN A 85 -30.42 -1.49 -18.63
C ASN A 85 -29.65 -0.37 -17.95
N PRO A 86 -30.36 0.62 -17.36
CA PRO A 86 -29.66 1.83 -16.92
C PRO A 86 -29.16 1.81 -15.48
N PHE A 87 -29.11 0.66 -14.83
CA PHE A 87 -28.79 0.56 -13.41
C PHE A 87 -27.56 -0.31 -13.19
N GLY A 88 -26.51 0.31 -12.67
CA GLY A 88 -25.35 -0.41 -12.21
C GLY A 88 -25.13 -0.19 -10.72
N VAL A 89 -24.08 -0.83 -10.22
CA VAL A 89 -23.71 -0.76 -8.83
C VAL A 89 -22.48 0.12 -8.71
N ALA A 90 -22.57 1.15 -7.86
CA ALA A 90 -21.52 2.14 -7.71
C ALA A 90 -20.26 1.53 -7.08
N ALA A 91 -19.17 2.30 -7.17
CA ALA A 91 -17.89 1.87 -6.61
C ALA A 91 -17.96 1.75 -5.09
N GLY A 92 -17.10 0.90 -4.54
CA GLY A 92 -17.04 0.68 -3.11
C GLY A 92 -17.98 -0.38 -2.59
N PHE A 93 -18.85 -0.92 -3.44
CA PHE A 93 -19.73 -2.00 -3.03
C PHE A 93 -19.01 -3.34 -3.07
N ASP A 94 -18.31 -3.61 -4.17
CA ASP A 94 -17.41 -4.76 -4.29
C ASP A 94 -16.00 -4.19 -4.57
N LYS A 95 -15.35 -3.73 -3.50
CA LYS A 95 -14.04 -3.07 -3.66
C LYS A 95 -12.99 -4.00 -4.24
N ASN A 96 -13.06 -5.30 -3.97
CA ASN A 96 -12.04 -6.24 -4.37
C ASN A 96 -12.43 -7.11 -5.56
N GLY A 97 -13.61 -6.90 -6.14
CA GLY A 97 -14.02 -7.69 -7.28
C GLY A 97 -14.18 -9.16 -6.97
N VAL A 98 -14.67 -9.49 -5.77
CA VAL A 98 -14.84 -10.90 -5.40
C VAL A 98 -16.27 -11.35 -5.57
N CYS A 99 -17.17 -10.47 -5.97
CA CYS A 99 -18.60 -10.81 -5.97
C CYS A 99 -19.28 -10.34 -7.26
N ILE A 100 -18.53 -10.27 -8.36
CA ILE A 100 -19.02 -9.59 -9.56
C ILE A 100 -20.20 -10.32 -10.17
N ASP A 101 -20.07 -11.63 -10.41
CA ASP A 101 -21.14 -12.39 -11.06
C ASP A 101 -22.45 -12.27 -10.30
N SER A 102 -22.40 -12.52 -8.99
CA SER A 102 -23.63 -12.58 -8.20
C SER A 102 -24.30 -11.22 -8.10
N ILE A 103 -23.52 -10.14 -7.96
CA ILE A 103 -24.15 -8.82 -7.90
C ILE A 103 -24.83 -8.48 -9.23
N LEU A 104 -24.14 -8.71 -10.34
CA LEU A 104 -24.74 -8.45 -11.65
C LEU A 104 -26.03 -9.23 -11.84
N LYS A 105 -26.02 -10.51 -11.44
CA LYS A 105 -27.19 -11.34 -11.71
C LYS A 105 -28.39 -10.97 -10.85
N LEU A 106 -28.24 -10.00 -9.93
CA LEU A 106 -29.40 -9.42 -9.27
C LEU A 106 -30.27 -8.60 -10.21
N GLY A 107 -29.74 -8.21 -11.37
CA GLY A 107 -30.53 -7.49 -12.36
C GLY A 107 -29.83 -6.23 -12.85
N PHE A 108 -28.57 -6.04 -12.44
CA PHE A 108 -27.81 -4.85 -12.81
C PHE A 108 -27.09 -5.03 -14.14
N SER A 109 -26.91 -3.94 -14.88
CA SER A 109 -26.22 -4.00 -16.16
C SER A 109 -24.72 -3.83 -16.04
N PHE A 110 -24.22 -3.25 -14.95
CA PHE A 110 -22.78 -3.08 -14.81
C PHE A 110 -22.46 -2.89 -13.34
N ILE A 111 -21.16 -2.97 -13.03
CA ILE A 111 -20.67 -2.68 -11.70
C ILE A 111 -19.32 -1.98 -11.85
N GLU A 112 -19.06 -1.04 -10.96
CA GLU A 112 -17.77 -0.38 -10.85
C GLU A 112 -17.03 -0.98 -9.65
N ILE A 113 -16.03 -1.84 -9.88
CA ILE A 113 -15.29 -2.42 -8.77
C ILE A 113 -14.26 -1.39 -8.29
N GLY A 114 -13.70 -1.62 -7.11
CA GLY A 114 -12.84 -0.63 -6.51
C GLY A 114 -13.64 0.24 -5.56
N THR A 115 -13.04 1.37 -5.13
CA THR A 115 -11.74 1.87 -5.60
C THR A 115 -10.50 1.07 -5.15
N ILE A 116 -9.60 0.79 -6.10
CA ILE A 116 -8.38 0.04 -5.82
C ILE A 116 -7.21 1.00 -5.74
N THR A 117 -6.15 0.58 -5.06
CA THR A 117 -4.89 1.29 -4.96
C THR A 117 -3.74 0.34 -5.29
N PRO A 118 -2.57 0.87 -5.68
CA PRO A 118 -1.46 -0.04 -6.06
C PRO A 118 -1.16 -1.11 -5.02
N ARG A 119 -0.89 -0.71 -3.77
CA ARG A 119 -0.74 -1.64 -2.65
C ARG A 119 -2.07 -1.77 -1.92
N GLY A 120 -2.27 -2.91 -1.26
CA GLY A 120 -3.45 -3.07 -0.41
C GLY A 120 -3.41 -2.14 0.78
N GLN A 121 -4.59 -1.92 1.37
CA GLN A 121 -4.74 -1.11 2.58
C GLN A 121 -5.87 -1.69 3.39
N THR A 122 -5.76 -1.61 4.71
CA THR A 122 -6.88 -2.01 5.56
C THR A 122 -7.88 -0.88 5.81
N GLY A 123 -7.50 0.37 5.54
CA GLY A 123 -8.38 1.50 5.72
C GLY A 123 -8.38 2.01 7.15
N ASN A 124 -9.35 2.87 7.42
CA ASN A 124 -9.46 3.49 8.73
C ASN A 124 -10.09 2.53 9.73
N ALA A 125 -10.00 2.88 11.02
CA ALA A 125 -10.43 2.00 12.09
C ALA A 125 -11.93 1.77 12.06
N LYS A 126 -12.35 0.52 12.38
CA LYS A 126 -13.72 0.03 12.48
C LYS A 126 -14.25 0.29 13.89
N PRO A 127 -15.58 0.45 14.08
CA PRO A 127 -16.61 0.47 13.04
C PRO A 127 -16.55 1.78 12.23
N ARG A 128 -16.78 1.70 10.93
CA ARG A 128 -16.60 2.87 10.09
C ARG A 128 -17.72 3.07 9.06
N ILE A 129 -18.82 2.33 9.19
CA ILE A 129 -19.98 2.50 8.32
C ILE A 129 -21.22 2.43 9.21
N PHE A 130 -22.08 3.44 9.09
CA PHE A 130 -23.30 3.50 9.91
C PHE A 130 -24.46 3.89 9.00
N ARG A 131 -25.64 3.34 9.28
CA ARG A 131 -26.82 3.63 8.49
C ARG A 131 -27.94 4.16 9.37
N ASP A 132 -28.74 5.04 8.78
CA ASP A 132 -29.90 5.64 9.45
C ASP A 132 -31.14 5.28 8.64
N VAL A 133 -31.93 4.34 9.15
CA VAL A 133 -33.05 3.81 8.39
C VAL A 133 -34.10 4.88 8.16
N GLU A 134 -34.40 5.69 9.19
CA GLU A 134 -35.40 6.75 9.08
C GLU A 134 -35.19 7.64 7.86
N SER A 135 -33.97 8.14 7.68
CA SER A 135 -33.63 9.03 6.58
C SER A 135 -33.01 8.31 5.38
N ARG A 136 -32.88 6.99 5.42
CA ARG A 136 -32.25 6.21 4.34
C ARG A 136 -30.90 6.79 3.97
N SER A 137 -30.07 7.00 4.99
CA SER A 137 -28.77 7.63 4.83
C SER A 137 -27.66 6.74 5.40
N ILE A 138 -26.49 6.88 4.82
CA ILE A 138 -25.31 6.14 5.26
C ILE A 138 -24.19 7.15 5.43
N ILE A 139 -23.33 6.92 6.43
CA ILE A 139 -22.08 7.66 6.55
C ILE A 139 -20.96 6.64 6.67
N ASN A 140 -19.83 6.93 6.03
CA ASN A 140 -18.74 5.97 6.00
C ASN A 140 -17.40 6.70 6.02
N SER A 141 -16.42 6.12 6.73
CA SER A 141 -15.03 6.57 6.63
C SER A 141 -14.15 5.34 6.40
N CYS A 142 -14.35 4.69 5.25
CA CYS A 142 -13.65 3.43 4.98
C CYS A 142 -12.16 3.66 4.77
N GLY A 143 -11.80 4.58 3.87
CA GLY A 143 -10.40 4.89 3.63
C GLY A 143 -9.73 4.00 2.60
N PHE A 144 -10.47 3.62 1.56
CA PHE A 144 -9.92 2.85 0.43
C PHE A 144 -9.36 1.52 0.92
N ASN A 145 -10.12 0.82 1.76
CA ASN A 145 -9.74 -0.55 2.10
C ASN A 145 -9.88 -1.41 0.84
N ASN A 146 -8.78 -2.07 0.44
CA ASN A 146 -8.84 -2.99 -0.69
C ASN A 146 -7.60 -3.89 -0.63
N MET A 147 -7.63 -5.00 -1.38
CA MET A 147 -6.50 -5.92 -1.38
C MET A 147 -5.33 -5.45 -2.25
N GLY A 148 -5.47 -4.34 -2.95
CA GLY A 148 -4.41 -3.88 -3.83
C GLY A 148 -4.65 -4.28 -5.28
N CYS A 149 -4.10 -3.48 -6.18
CA CYS A 149 -4.36 -3.62 -7.61
C CYS A 149 -4.00 -5.02 -8.13
N ASP A 150 -2.90 -5.59 -7.65
CA ASP A 150 -2.45 -6.85 -8.25
C ASP A 150 -3.41 -7.99 -7.90
N LYS A 151 -3.87 -8.06 -6.66
CA LYS A 151 -4.78 -9.12 -6.28
C LYS A 151 -6.17 -8.90 -6.88
N VAL A 152 -6.65 -7.65 -6.90
CA VAL A 152 -7.95 -7.37 -7.51
C VAL A 152 -7.92 -7.66 -9.00
N THR A 153 -6.78 -7.40 -9.66
CA THR A 153 -6.62 -7.78 -11.06
C THR A 153 -6.81 -9.27 -11.26
N GLU A 154 -6.25 -10.09 -10.34
CA GLU A 154 -6.48 -11.53 -10.45
C GLU A 154 -7.96 -11.87 -10.30
N ASN A 155 -8.65 -11.17 -9.38
CA ASN A 155 -10.08 -11.43 -9.21
C ASN A 155 -10.86 -11.05 -10.46
N LEU A 156 -10.49 -9.94 -11.10
CA LEU A 156 -11.17 -9.52 -12.31
C LEU A 156 -10.87 -10.47 -13.46
N ILE A 157 -9.62 -10.93 -13.57
CA ILE A 157 -9.28 -11.90 -14.60
C ILE A 157 -10.13 -13.14 -14.48
N LEU A 158 -10.34 -13.63 -13.25
CA LEU A 158 -11.18 -14.81 -13.05
C LEU A 158 -12.61 -14.55 -13.55
N PHE A 159 -13.16 -13.38 -13.25
CA PHE A 159 -14.49 -13.06 -13.78
C PHE A 159 -14.48 -13.08 -15.30
N ARG A 160 -13.48 -12.43 -15.90
CA ARG A 160 -13.42 -12.35 -17.36
C ARG A 160 -13.35 -13.73 -17.98
N LYS A 161 -12.66 -14.68 -17.34
CA LYS A 161 -12.61 -16.04 -17.86
C LYS A 161 -13.97 -16.72 -17.71
N ARG A 162 -14.66 -16.48 -16.60
CA ARG A 162 -16.00 -17.04 -16.43
C ARG A 162 -16.96 -16.41 -17.43
N GLN A 163 -16.82 -15.11 -17.67
CA GLN A 163 -17.68 -14.40 -18.61
C GLN A 163 -17.56 -14.97 -20.01
N GLU A 164 -16.34 -15.31 -20.42
CA GLU A 164 -16.12 -15.85 -21.76
C GLU A 164 -16.93 -17.12 -22.03
N GLU A 165 -17.21 -17.95 -21.02
CA GLU A 165 -18.00 -19.15 -21.24
C GLU A 165 -19.43 -19.06 -20.72
N ASP A 166 -19.79 -17.99 -20.03
CA ASP A 166 -21.14 -17.81 -19.51
C ASP A 166 -21.77 -16.74 -20.41
N LYS A 167 -22.45 -17.20 -21.45
CA LYS A 167 -23.03 -16.29 -22.43
C LYS A 167 -24.04 -15.34 -21.82
N LEU A 168 -24.59 -15.68 -20.66
CA LEU A 168 -25.55 -14.81 -19.99
C LEU A 168 -24.90 -13.62 -19.29
N LEU A 169 -23.57 -13.48 -19.34
CA LEU A 169 -22.88 -12.32 -18.81
C LEU A 169 -22.09 -11.57 -19.87
N SER A 170 -22.22 -11.95 -21.15
CA SER A 170 -21.33 -11.45 -22.18
C SER A 170 -21.55 -9.97 -22.49
N LYS A 171 -22.68 -9.40 -22.09
CA LYS A 171 -22.94 -7.98 -22.33
C LYS A 171 -22.87 -7.14 -21.06
N HIS A 172 -22.67 -7.77 -19.91
CA HIS A 172 -22.52 -7.00 -18.69
C HIS A 172 -21.16 -6.29 -18.70
N ILE A 173 -21.13 -5.10 -18.11
CA ILE A 173 -19.98 -4.21 -18.18
C ILE A 173 -19.33 -4.13 -16.81
N VAL A 174 -18.01 -4.08 -16.76
CA VAL A 174 -17.28 -3.88 -15.51
C VAL A 174 -16.32 -2.70 -15.69
N GLY A 175 -16.51 -1.64 -14.89
CA GLY A 175 -15.53 -0.58 -14.79
C GLY A 175 -14.67 -0.77 -13.55
N VAL A 176 -13.52 -0.09 -13.52
CA VAL A 176 -12.60 -0.15 -12.38
C VAL A 176 -12.32 1.27 -11.92
N SER A 177 -12.63 1.56 -10.66
CA SER A 177 -12.32 2.83 -10.04
C SER A 177 -10.91 2.76 -9.48
N ILE A 178 -10.09 3.77 -9.75
CA ILE A 178 -8.69 3.76 -9.32
C ILE A 178 -8.36 5.00 -8.51
N GLY A 179 -7.52 4.83 -7.48
CA GLY A 179 -7.13 5.93 -6.62
C GLY A 179 -5.70 5.79 -6.13
N LYS A 180 -5.36 6.45 -5.03
CA LYS A 180 -4.00 6.39 -4.53
C LYS A 180 -3.96 5.80 -3.13
N ASN A 181 -2.86 5.13 -2.82
CA ASN A 181 -2.57 4.76 -1.45
C ASN A 181 -2.48 6.05 -0.63
N LYS A 182 -2.83 5.92 0.64
CA LYS A 182 -2.91 7.04 1.56
C LYS A 182 -1.61 7.84 1.64
N ASP A 183 -0.46 7.17 1.63
CA ASP A 183 0.82 7.87 1.82
C ASP A 183 1.53 8.20 0.51
N THR A 184 0.91 7.95 -0.63
CA THR A 184 1.53 8.27 -1.90
C THR A 184 1.65 9.78 -2.10
N VAL A 185 2.86 10.22 -2.49
CA VAL A 185 3.08 11.65 -2.71
C VAL A 185 2.43 12.10 -4.02
N ASN A 186 2.71 11.39 -5.13
CA ASN A 186 2.24 11.80 -6.45
C ASN A 186 1.12 10.85 -6.90
N ILE A 187 -0.11 11.35 -6.89
CA ILE A 187 -1.25 10.53 -7.26
C ILE A 187 -1.08 9.91 -8.64
N VAL A 188 -0.46 10.65 -9.56
CA VAL A 188 -0.36 10.17 -10.95
C VAL A 188 0.42 8.85 -11.01
N ASP A 189 1.49 8.73 -10.21
CA ASP A 189 2.23 7.46 -10.14
C ASP A 189 1.28 6.28 -9.87
N ASP A 190 0.39 6.46 -8.89
CA ASP A 190 -0.48 5.37 -8.49
C ASP A 190 -1.55 5.08 -9.55
N LEU A 191 -2.09 6.12 -10.20
CA LEU A 191 -3.07 5.90 -11.25
C LEU A 191 -2.44 5.20 -12.45
N LYS A 192 -1.20 5.58 -12.82
CA LYS A 192 -0.51 4.88 -13.90
C LYS A 192 -0.27 3.41 -13.54
N TYR A 193 0.13 3.14 -12.30
CA TYR A 193 0.32 1.75 -11.89
C TYR A 193 -0.95 0.94 -12.12
N CYS A 194 -2.09 1.48 -11.73
CA CYS A 194 -3.32 0.72 -11.89
C CYS A 194 -3.66 0.50 -13.36
N ILE A 195 -3.41 1.49 -14.21
CA ILE A 195 -3.68 1.32 -15.65
C ILE A 195 -2.88 0.16 -16.22
N ASN A 196 -1.58 0.12 -15.90
CA ASN A 196 -0.69 -0.85 -16.53
C ASN A 196 -0.96 -2.26 -16.07
N LYS A 197 -1.66 -2.43 -14.96
CA LYS A 197 -1.93 -3.77 -14.45
C LYS A 197 -3.34 -4.23 -14.77
N ILE A 198 -4.33 -3.41 -14.50
CA ILE A 198 -5.72 -3.82 -14.64
C ILE A 198 -6.40 -3.18 -15.84
N GLY A 199 -5.77 -2.23 -16.52
CA GLY A 199 -6.48 -1.49 -17.58
C GLY A 199 -7.02 -2.38 -18.68
N ARG A 200 -6.26 -3.41 -19.06
CA ARG A 200 -6.66 -4.26 -20.17
C ARG A 200 -7.90 -5.10 -19.88
N TYR A 201 -8.33 -5.20 -18.62
CA TYR A 201 -9.50 -5.99 -18.24
C TYR A 201 -10.72 -5.13 -17.93
N ALA A 202 -10.61 -3.81 -18.00
CA ALA A 202 -11.68 -2.89 -17.64
C ALA A 202 -12.40 -2.40 -18.90
N ASP A 203 -13.73 -2.28 -18.81
CA ASP A 203 -14.45 -1.62 -19.90
C ASP A 203 -14.33 -0.10 -19.79
N TYR A 204 -14.17 0.41 -18.58
CA TYR A 204 -13.85 1.80 -18.38
C TYR A 204 -13.05 1.92 -17.09
N ILE A 205 -12.35 3.06 -16.98
CA ILE A 205 -11.61 3.42 -15.79
C ILE A 205 -12.29 4.65 -15.18
N ALA A 206 -12.59 4.59 -13.89
CA ALA A 206 -13.08 5.76 -13.16
C ALA A 206 -11.95 6.31 -12.31
N ILE A 207 -11.58 7.58 -12.56
CA ILE A 207 -10.56 8.25 -11.75
C ILE A 207 -11.25 8.82 -10.51
N ASN A 208 -10.83 8.34 -9.33
CA ASN A 208 -11.43 8.77 -8.06
C ASN A 208 -10.60 9.91 -7.47
N VAL A 209 -11.05 11.14 -7.66
CA VAL A 209 -10.44 12.29 -7.00
C VAL A 209 -11.40 12.91 -5.98
N SER A 210 -12.36 12.13 -5.46
CA SER A 210 -13.44 12.70 -4.69
C SER A 210 -13.78 11.96 -3.39
N SER A 211 -13.10 10.88 -3.06
CA SER A 211 -13.28 10.29 -1.74
C SER A 211 -13.00 11.34 -0.68
N PRO A 212 -13.90 11.53 0.29
CA PRO A 212 -13.60 12.40 1.42
C PRO A 212 -12.68 11.79 2.47
N ASN A 213 -12.30 10.51 2.35
CA ASN A 213 -11.69 9.76 3.44
C ASN A 213 -10.21 9.45 3.23
N THR A 214 -9.58 10.01 2.19
CA THR A 214 -8.14 9.97 2.02
C THR A 214 -7.62 11.40 2.08
N PRO A 215 -6.88 11.78 3.13
CA PRO A 215 -6.46 13.18 3.25
C PRO A 215 -5.77 13.69 1.98
N GLY A 216 -6.16 14.90 1.56
CA GLY A 216 -5.59 15.55 0.40
C GLY A 216 -6.15 15.15 -0.96
N LEU A 217 -6.91 14.05 -1.06
CA LEU A 217 -7.29 13.55 -2.38
C LEU A 217 -8.15 14.56 -3.16
N ARG A 218 -9.07 15.24 -2.47
CA ARG A 218 -10.00 16.14 -3.14
C ARG A 218 -9.30 17.37 -3.70
N ASP A 219 -8.08 17.66 -3.25
CA ASP A 219 -7.31 18.77 -3.80
C ASP A 219 -7.06 18.60 -5.28
N ASN A 220 -7.04 17.35 -5.74
CA ASN A 220 -6.77 17.03 -7.14
C ASN A 220 -7.93 17.39 -8.06
N GLN A 221 -9.03 17.95 -7.53
CA GLN A 221 -10.09 18.49 -8.37
C GLN A 221 -9.79 19.92 -8.82
N GLU A 222 -8.72 20.54 -8.31
CA GLU A 222 -8.26 21.81 -8.85
C GLU A 222 -7.95 21.66 -10.34
N ALA A 223 -8.33 22.66 -11.13
CA ALA A 223 -8.32 22.54 -12.58
C ALA A 223 -6.98 22.07 -13.12
N GLY A 224 -5.89 22.74 -12.70
CA GLY A 224 -4.57 22.38 -13.19
C GLY A 224 -4.16 20.97 -12.79
N LYS A 225 -4.43 20.60 -11.55
CA LYS A 225 -4.12 19.23 -11.12
C LYS A 225 -4.97 18.22 -11.86
N LEU A 226 -6.27 18.47 -11.97
CA LEU A 226 -7.16 17.53 -12.63
C LEU A 226 -6.79 17.36 -14.10
N LYS A 227 -6.41 18.44 -14.78
CA LYS A 227 -6.05 18.34 -16.19
C LYS A 227 -4.84 17.44 -16.40
N ASN A 228 -3.81 17.63 -15.58
CA ASN A 228 -2.62 16.78 -15.66
C ASN A 228 -2.97 15.31 -15.40
N ILE A 229 -3.86 15.07 -14.43
CA ILE A 229 -4.25 13.70 -14.06
C ILE A 229 -4.95 13.02 -15.24
N ILE A 230 -5.91 13.72 -15.85
CA ILE A 230 -6.67 13.13 -16.95
C ILE A 230 -5.75 12.84 -18.13
N LEU A 231 -4.89 13.81 -18.49
CA LEU A 231 -4.00 13.61 -19.62
C LEU A 231 -3.01 12.48 -19.37
N SER A 232 -2.49 12.38 -18.13
CA SER A 232 -1.56 11.30 -17.78
C SER A 232 -2.25 9.94 -17.86
N VAL A 233 -3.46 9.82 -17.34
CA VAL A 233 -4.19 8.56 -17.40
C VAL A 233 -4.44 8.16 -18.84
N LYS A 234 -4.95 9.09 -19.65
CA LYS A 234 -5.17 8.79 -21.06
C LYS A 234 -3.87 8.41 -21.77
N GLU A 235 -2.77 9.14 -21.48
CA GLU A 235 -1.51 8.78 -22.13
C GLU A 235 -1.05 7.38 -21.73
N GLU A 236 -1.24 7.03 -20.46
CA GLU A 236 -0.86 5.67 -20.02
C GLU A 236 -1.71 4.61 -20.72
N ILE A 237 -3.02 4.84 -20.82
CA ILE A 237 -3.88 3.90 -21.55
C ILE A 237 -3.48 3.81 -23.01
N ASP A 238 -3.23 4.97 -23.65
CA ASP A 238 -2.82 4.95 -25.05
C ASP A 238 -1.48 4.26 -25.25
N ASN A 239 -0.54 4.38 -24.29
CA ASN A 239 0.73 3.68 -24.42
C ASN A 239 0.57 2.18 -24.22
N LEU A 240 -0.33 1.78 -23.32
CA LEU A 240 -0.69 0.38 -23.17
C LEU A 240 -1.18 -0.19 -24.50
N GLU A 241 -2.04 0.55 -25.19
CA GLU A 241 -2.53 0.11 -26.49
C GLU A 241 -1.40 0.08 -27.52
N LYS A 242 -0.66 1.17 -27.65
CA LYS A 242 0.43 1.23 -28.64
C LYS A 242 1.42 0.08 -28.47
N ASN A 243 1.79 -0.22 -27.22
CA ASN A 243 2.87 -1.15 -26.95
C ASN A 243 2.45 -2.61 -26.98
N ASN A 244 1.15 -2.92 -27.00
CA ASN A 244 0.72 -4.29 -26.82
C ASN A 244 -0.30 -4.78 -27.85
N ILE A 245 -0.70 -3.95 -28.81
CA ILE A 245 -1.75 -4.38 -29.72
C ILE A 245 -1.23 -5.43 -30.69
N MET A 246 0.08 -5.46 -30.98
CA MET A 246 0.65 -6.48 -31.86
C MET A 246 0.73 -7.84 -31.19
N ASN A 247 0.48 -7.94 -29.89
CA ASN A 247 0.73 -9.19 -29.18
C ASN A 247 -0.20 -10.28 -29.71
N ASP A 248 0.28 -11.53 -29.59
CA ASP A 248 -0.53 -12.67 -29.98
C ASP A 248 -1.83 -12.73 -29.19
N GLU A 249 -1.73 -12.63 -27.87
CA GLU A 249 -2.92 -12.60 -27.03
C GLU A 249 -3.60 -11.23 -27.17
N PHE A 250 -4.90 -11.25 -27.46
CA PHE A 250 -5.61 -10.00 -27.70
C PHE A 250 -5.61 -9.14 -26.46
N LEU A 251 -5.27 -7.86 -26.64
CA LEU A 251 -5.01 -6.98 -25.50
C LEU A 251 -6.26 -6.79 -24.63
N TRP A 252 -7.40 -6.42 -25.25
CA TRP A 252 -8.57 -6.02 -24.48
C TRP A 252 -9.38 -7.24 -24.09
N PHE A 253 -9.10 -7.76 -22.89
CA PHE A 253 -9.84 -8.89 -22.32
C PHE A 253 -10.97 -8.37 -21.43
N ASN A 254 -11.99 -7.82 -22.08
CA ASN A 254 -13.07 -7.13 -21.38
C ASN A 254 -14.36 -7.35 -22.16
N THR A 255 -15.39 -6.54 -21.84
CA THR A 255 -16.66 -6.72 -22.55
C THR A 255 -16.63 -6.05 -23.92
N THR A 256 -16.15 -4.81 -23.98
CA THR A 256 -16.17 -4.05 -25.23
C THR A 256 -15.20 -4.58 -26.27
N LYS A 257 -14.13 -5.27 -25.84
CA LYS A 257 -12.98 -5.60 -26.70
C LYS A 257 -12.29 -4.34 -27.22
N LYS A 258 -12.46 -3.22 -26.51
CA LYS A 258 -11.86 -1.95 -26.87
C LYS A 258 -11.12 -1.40 -25.68
N LYS A 259 -10.26 -0.42 -25.95
CA LYS A 259 -9.54 0.24 -24.87
C LYS A 259 -10.55 0.87 -23.91
N PRO A 260 -10.26 0.89 -22.62
CA PRO A 260 -11.23 1.39 -21.65
C PRO A 260 -11.45 2.89 -21.82
N LEU A 261 -12.71 3.29 -21.72
CA LEU A 261 -13.03 4.71 -21.60
C LEU A 261 -12.57 5.24 -20.23
N VAL A 262 -12.55 6.57 -20.12
CA VAL A 262 -12.05 7.24 -18.91
C VAL A 262 -13.14 8.16 -18.40
N PHE A 263 -13.55 7.95 -17.15
CA PHE A 263 -14.46 8.80 -16.43
C PHE A 263 -13.73 9.43 -15.25
N VAL A 264 -14.25 10.56 -14.78
CA VAL A 264 -13.82 11.14 -13.52
C VAL A 264 -15.00 11.18 -12.57
N LYS A 265 -14.77 10.86 -11.30
CA LYS A 265 -15.80 10.93 -10.27
C LYS A 265 -15.56 12.16 -9.41
N LEU A 266 -16.56 13.04 -9.35
CA LEU A 266 -16.42 14.34 -8.71
C LEU A 266 -17.18 14.40 -7.39
N ALA A 267 -16.68 15.23 -6.48
CA ALA A 267 -17.32 15.44 -5.20
C ALA A 267 -18.39 16.52 -5.29
N PRO A 268 -19.49 16.38 -4.55
CA PRO A 268 -20.53 17.41 -4.56
C PRO A 268 -20.17 18.66 -3.78
N ASP A 269 -19.04 18.66 -3.08
CA ASP A 269 -18.69 19.77 -2.19
C ASP A 269 -17.69 20.67 -2.92
N LEU A 270 -18.23 21.48 -3.82
CA LEU A 270 -17.47 22.43 -4.63
C LEU A 270 -18.32 23.66 -4.81
N ASN A 271 -17.66 24.80 -4.99
CA ASN A 271 -18.41 26.01 -5.31
C ASN A 271 -18.57 26.12 -6.82
N GLN A 272 -19.34 27.13 -7.25
CA GLN A 272 -19.69 27.30 -8.65
C GLN A 272 -18.46 27.59 -9.51
N GLU A 273 -17.51 28.33 -8.96
CA GLU A 273 -16.28 28.65 -9.68
C GLU A 273 -15.48 27.37 -9.98
N GLN A 274 -15.33 26.49 -8.99
CA GLN A 274 -14.60 25.24 -9.23
C GLN A 274 -15.31 24.36 -10.24
N LYS A 275 -16.65 24.25 -10.15
CA LYS A 275 -17.38 23.40 -11.09
C LYS A 275 -17.16 23.85 -12.53
N LYS A 276 -17.19 25.17 -12.75
CA LYS A 276 -17.01 25.70 -14.10
C LYS A 276 -15.59 25.44 -14.62
N GLU A 277 -14.57 25.68 -13.77
CA GLU A 277 -13.20 25.41 -14.18
C GLU A 277 -12.98 23.93 -14.44
N ILE A 278 -13.59 23.06 -13.63
CA ILE A 278 -13.51 21.63 -13.88
C ILE A 278 -14.18 21.30 -15.22
N ALA A 279 -15.38 21.86 -15.46
CA ALA A 279 -16.08 21.62 -16.71
C ALA A 279 -15.23 22.02 -17.91
N ASP A 280 -14.55 23.15 -17.82
CA ASP A 280 -13.66 23.57 -18.91
C ASP A 280 -12.56 22.55 -19.15
N VAL A 281 -11.99 22.00 -18.08
CA VAL A 281 -10.91 21.01 -18.23
C VAL A 281 -11.46 19.74 -18.85
N LEU A 282 -12.65 19.33 -18.44
CA LEU A 282 -13.24 18.11 -18.99
C LEU A 282 -13.46 18.25 -20.48
N LEU A 283 -13.84 19.45 -20.93
CA LEU A 283 -14.05 19.70 -22.35
C LEU A 283 -12.73 19.65 -23.11
N GLU A 284 -11.68 20.22 -22.53
CA GLU A 284 -10.41 20.29 -23.25
C GLU A 284 -9.74 18.92 -23.32
N THR A 285 -9.84 18.12 -22.24
CA THR A 285 -9.15 16.83 -22.18
C THR A 285 -9.95 15.68 -22.79
N ASN A 286 -11.21 15.92 -23.17
CA ASN A 286 -12.01 14.90 -23.85
C ASN A 286 -12.26 13.69 -22.94
N ILE A 287 -12.55 13.95 -21.67
CA ILE A 287 -13.00 12.87 -20.76
C ILE A 287 -14.24 12.21 -21.39
N ASP A 288 -14.38 10.90 -21.15
CA ASP A 288 -15.50 10.18 -21.78
C ASP A 288 -16.78 10.23 -20.96
N GLY A 289 -16.69 10.62 -19.70
CA GLY A 289 -17.87 10.73 -18.88
C GLY A 289 -17.49 11.24 -17.51
N MET A 290 -18.49 11.76 -16.81
CA MET A 290 -18.29 12.19 -15.44
C MET A 290 -19.32 11.51 -14.55
N ILE A 291 -18.85 10.95 -13.45
CA ILE A 291 -19.70 10.32 -12.46
C ILE A 291 -20.06 11.39 -11.44
N ILE A 292 -21.34 11.72 -11.37
CA ILE A 292 -21.82 12.80 -10.49
C ILE A 292 -22.87 12.18 -9.58
N SER A 293 -22.53 11.99 -8.30
CA SER A 293 -21.29 12.43 -7.65
C SER A 293 -20.90 11.46 -6.53
N ASN A 294 -19.80 11.78 -5.82
CA ASN A 294 -19.39 11.05 -4.63
C ASN A 294 -20.19 11.50 -3.40
N THR A 295 -19.80 11.00 -2.23
CA THR A 295 -20.51 11.36 -1.00
C THR A 295 -20.21 12.80 -0.61
N THR A 296 -21.01 13.32 0.32
CA THR A 296 -20.90 14.71 0.74
C THR A 296 -20.51 14.79 2.21
N THR A 297 -19.76 15.83 2.55
CA THR A 297 -19.39 16.12 3.93
C THR A 297 -20.15 17.30 4.50
N GLN A 298 -21.21 17.74 3.84
CA GLN A 298 -21.91 18.96 4.22
C GLN A 298 -23.23 18.70 4.92
N ILE A 299 -23.57 17.45 5.20
CA ILE A 299 -24.84 17.10 5.83
C ILE A 299 -24.57 16.77 7.30
N ASN A 300 -25.13 17.57 8.19
CA ASN A 300 -24.90 17.35 9.62
C ASN A 300 -26.18 17.56 10.43
N ASP A 301 -27.35 17.42 9.82
CA ASP A 301 -28.63 17.53 10.51
C ASP A 301 -29.22 16.16 10.82
N ILE A 302 -28.37 15.15 10.93
CA ILE A 302 -28.79 13.77 11.15
C ILE A 302 -28.21 13.32 12.49
N LYS A 303 -29.07 13.20 13.51
CA LYS A 303 -28.61 13.15 14.89
C LYS A 303 -27.76 11.90 15.16
N SER A 304 -28.16 10.74 14.63
CA SER A 304 -27.39 9.54 14.92
C SER A 304 -26.02 9.53 14.24
N PHE A 305 -25.70 10.54 13.43
CA PHE A 305 -24.40 10.65 12.77
C PHE A 305 -23.50 11.72 13.39
N GLU A 306 -23.93 12.40 14.45
CA GLU A 306 -23.40 13.74 14.68
C GLU A 306 -21.98 13.71 15.24
N ASN A 307 -21.60 12.65 15.95
CA ASN A 307 -20.21 12.43 16.30
C ASN A 307 -19.54 11.43 15.36
N LYS A 308 -19.92 11.41 14.06
CA LYS A 308 -19.33 10.55 13.04
C LYS A 308 -18.55 11.31 12.00
N LYS A 309 -17.65 10.59 11.34
CA LYS A 309 -16.75 11.12 10.33
C LYS A 309 -17.04 10.45 8.99
N GLY A 310 -16.72 11.16 7.93
CA GLY A 310 -16.74 10.61 6.58
C GLY A 310 -17.81 11.25 5.70
N GLY A 311 -18.08 10.56 4.59
CA GLY A 311 -19.01 11.03 3.60
C GLY A 311 -20.40 10.44 3.78
N VAL A 312 -21.42 11.22 3.43
CA VAL A 312 -22.81 10.83 3.61
C VAL A 312 -23.38 10.41 2.27
N SER A 313 -24.09 9.28 2.26
CA SER A 313 -24.80 8.74 1.10
C SER A 313 -26.29 8.70 1.41
N GLY A 314 -27.07 8.36 0.39
CA GLY A 314 -28.48 8.07 0.58
C GLY A 314 -29.40 9.21 0.20
N ALA A 315 -30.60 9.17 0.79
CA ALA A 315 -31.68 10.06 0.36
C ALA A 315 -31.36 11.54 0.56
N LYS A 316 -30.59 11.87 1.60
CA LYS A 316 -30.28 13.28 1.85
C LYS A 316 -29.27 13.85 0.86
N LEU A 317 -28.66 13.02 0.02
CA LEU A 317 -27.75 13.46 -1.03
C LEU A 317 -28.46 13.60 -2.37
N LYS A 318 -29.71 13.12 -2.49
CA LYS A 318 -30.36 13.04 -3.80
C LYS A 318 -30.47 14.42 -4.45
N ASP A 319 -31.08 15.38 -3.75
CA ASP A 319 -31.28 16.70 -4.33
C ASP A 319 -29.96 17.39 -4.61
N ILE A 320 -29.00 17.22 -3.73
CA ILE A 320 -27.67 17.82 -3.91
C ILE A 320 -27.04 17.35 -5.21
N SER A 321 -27.03 16.03 -5.45
CA SER A 321 -26.37 15.49 -6.63
C SER A 321 -27.19 15.74 -7.90
N THR A 322 -28.52 15.72 -7.82
CA THR A 322 -29.33 16.02 -9.00
C THR A 322 -29.06 17.43 -9.50
N LYS A 323 -29.04 18.42 -8.60
CA LYS A 323 -28.73 19.78 -9.02
C LYS A 323 -27.32 19.85 -9.61
N PHE A 324 -26.36 19.14 -9.00
CA PHE A 324 -24.99 19.09 -9.50
C PHE A 324 -24.95 18.55 -10.93
N ILE A 325 -25.74 17.52 -11.22
CA ILE A 325 -25.84 17.02 -12.58
C ILE A 325 -26.30 18.14 -13.53
N CYS A 326 -27.35 18.87 -13.14
CA CYS A 326 -27.85 19.97 -13.98
C CYS A 326 -26.78 21.00 -14.26
N GLU A 327 -26.00 21.35 -13.24
CA GLU A 327 -24.95 22.37 -13.39
C GLU A 327 -23.87 21.90 -14.35
N MET A 328 -23.41 20.65 -14.21
CA MET A 328 -22.30 20.17 -15.03
C MET A 328 -22.75 19.86 -16.45
N TYR A 329 -23.98 19.35 -16.61
CA TYR A 329 -24.56 19.18 -17.94
C TYR A 329 -24.52 20.48 -18.71
N ASN A 330 -24.85 21.59 -18.05
CA ASN A 330 -24.86 22.88 -18.74
C ASN A 330 -23.46 23.48 -18.83
N TYR A 331 -22.65 23.33 -17.79
CA TYR A 331 -21.28 23.87 -17.81
C TYR A 331 -20.45 23.21 -18.90
N THR A 332 -20.68 21.92 -19.18
CA THR A 332 -20.02 21.22 -20.28
C THR A 332 -20.83 21.25 -21.58
N ASN A 333 -21.84 22.11 -21.67
CA ASN A 333 -22.63 22.31 -22.89
C ASN A 333 -23.16 21.01 -23.46
N LYS A 334 -23.46 20.06 -22.57
CA LYS A 334 -24.05 18.76 -22.90
C LYS A 334 -23.11 17.88 -23.70
N GLN A 335 -21.81 18.17 -23.68
CA GLN A 335 -20.87 17.40 -24.48
C GLN A 335 -20.27 16.20 -23.74
N ILE A 336 -20.48 16.10 -22.42
CA ILE A 336 -19.87 15.05 -21.60
C ILE A 336 -20.94 14.17 -20.95
N PRO A 337 -21.07 12.90 -21.34
CA PRO A 337 -22.07 12.02 -20.73
C PRO A 337 -21.92 11.95 -19.22
N ILE A 338 -23.04 11.73 -18.53
CA ILE A 338 -23.09 11.76 -17.08
C ILE A 338 -23.54 10.42 -16.55
N ILE A 339 -22.83 9.93 -15.53
CA ILE A 339 -23.19 8.77 -14.74
C ILE A 339 -23.73 9.28 -13.42
N ALA A 340 -25.02 9.04 -13.13
CA ALA A 340 -25.63 9.56 -11.91
C ALA A 340 -25.34 8.68 -10.71
N SER A 341 -24.94 9.31 -9.60
CA SER A 341 -24.80 8.62 -8.32
C SER A 341 -25.26 9.56 -7.23
N GLY A 342 -26.16 9.07 -6.36
CA GLY A 342 -26.62 9.87 -5.23
C GLY A 342 -28.11 9.85 -4.95
N GLY A 343 -28.51 9.08 -3.94
CA GLY A 343 -29.87 9.11 -3.45
C GLY A 343 -30.90 8.50 -4.36
N ILE A 344 -30.51 7.59 -5.25
CA ILE A 344 -31.44 6.97 -6.20
C ILE A 344 -32.04 5.74 -5.54
N PHE A 345 -33.33 5.78 -5.27
CA PHE A 345 -34.06 4.64 -4.72
C PHE A 345 -35.22 4.19 -5.61
N SER A 346 -35.90 5.12 -6.26
CA SER A 346 -37.14 4.81 -6.96
C SER A 346 -36.99 5.04 -8.45
N GLY A 347 -37.94 4.50 -9.20
CA GLY A 347 -38.02 4.82 -10.63
C GLY A 347 -38.10 6.32 -10.87
N LEU A 348 -38.82 7.03 -10.00
CA LEU A 348 -38.93 8.47 -10.18
C LEU A 348 -37.60 9.16 -9.89
N ASP A 349 -36.88 8.70 -8.86
CA ASP A 349 -35.53 9.22 -8.62
C ASP A 349 -34.64 9.06 -9.85
N ALA A 350 -34.69 7.88 -10.48
CA ALA A 350 -33.85 7.62 -11.64
C ALA A 350 -34.23 8.53 -12.80
N LEU A 351 -35.54 8.73 -13.03
CA LEU A 351 -35.96 9.59 -14.12
C LEU A 351 -35.55 11.04 -13.87
N GLU A 352 -35.58 11.49 -12.61
CA GLU A 352 -35.06 12.83 -12.32
C GLU A 352 -33.59 12.94 -12.71
N LYS A 353 -32.80 11.91 -12.43
CA LYS A 353 -31.39 11.94 -12.79
C LYS A 353 -31.21 11.98 -14.31
N ILE A 354 -31.95 11.12 -15.02
CA ILE A 354 -31.83 11.06 -16.48
C ILE A 354 -32.30 12.37 -17.12
N GLU A 355 -33.46 12.89 -16.70
CA GLU A 355 -33.94 14.13 -17.28
C GLU A 355 -33.02 15.30 -16.95
N ALA A 356 -32.34 15.25 -15.80
CA ALA A 356 -31.37 16.27 -15.43
C ALA A 356 -30.12 16.23 -16.29
N GLY A 357 -29.83 15.10 -16.94
CA GLY A 357 -28.65 15.00 -17.79
C GLY A 357 -27.90 13.69 -17.81
N ALA A 358 -28.24 12.77 -16.90
CA ALA A 358 -27.49 11.53 -16.79
C ALA A 358 -27.91 10.55 -17.88
N SER A 359 -26.94 9.76 -18.35
CA SER A 359 -27.23 8.69 -19.30
C SER A 359 -27.46 7.34 -18.62
N VAL A 360 -26.96 7.17 -17.39
CA VAL A 360 -27.01 5.89 -16.71
C VAL A 360 -26.94 6.17 -15.21
N CYS A 361 -27.45 5.23 -14.41
CA CYS A 361 -27.57 5.40 -12.96
C CYS A 361 -26.76 4.33 -12.24
N GLN A 362 -26.19 4.72 -11.09
CA GLN A 362 -25.51 3.82 -10.19
C GLN A 362 -26.24 3.80 -8.85
N LEU A 363 -26.38 2.61 -8.28
CA LEU A 363 -26.99 2.43 -6.98
C LEU A 363 -25.96 1.99 -5.95
N TYR A 364 -26.17 2.42 -4.71
CA TYR A 364 -25.46 1.87 -3.57
C TYR A 364 -26.43 1.81 -2.39
N SER A 365 -26.79 2.99 -1.87
CA SER A 365 -27.68 3.06 -0.72
C SER A 365 -29.01 2.33 -0.97
N CYS A 366 -29.50 2.33 -2.22
CA CYS A 366 -30.74 1.61 -2.51
C CYS A 366 -30.59 0.14 -2.14
N LEU A 367 -29.44 -0.47 -2.45
CA LEU A 367 -29.22 -1.87 -2.13
C LEU A 367 -29.23 -2.08 -0.62
N VAL A 368 -28.62 -1.18 0.13
CA VAL A 368 -28.54 -1.35 1.59
C VAL A 368 -29.94 -1.32 2.21
N PHE A 369 -30.78 -0.39 1.78
CA PHE A 369 -32.09 -0.23 2.42
C PHE A 369 -33.21 -1.00 1.74
N ASN A 370 -33.09 -1.31 0.46
CA ASN A 370 -34.12 -2.09 -0.23
C ASN A 370 -33.73 -3.54 -0.47
N GLY A 371 -32.45 -3.88 -0.42
CA GLY A 371 -32.06 -5.27 -0.38
C GLY A 371 -31.99 -5.93 -1.74
N MET A 372 -32.23 -7.25 -1.74
CA MET A 372 -32.04 -8.07 -2.93
C MET A 372 -32.95 -7.65 -4.09
N LYS A 373 -34.14 -7.12 -3.80
CA LYS A 373 -35.11 -6.78 -4.85
C LYS A 373 -34.82 -5.44 -5.53
N SER A 374 -33.68 -4.80 -5.21
CA SER A 374 -33.45 -3.42 -5.60
C SER A 374 -33.53 -3.23 -7.11
N ALA A 375 -32.82 -4.06 -7.88
CA ALA A 375 -32.77 -3.82 -9.33
C ALA A 375 -34.06 -4.25 -10.02
N VAL A 376 -34.64 -5.39 -9.63
CA VAL A 376 -35.92 -5.79 -10.23
C VAL A 376 -36.95 -4.66 -10.06
N GLN A 377 -37.02 -4.11 -8.85
CA GLN A 377 -38.07 -3.14 -8.53
C GLN A 377 -37.84 -1.82 -9.25
N ILE A 378 -36.61 -1.31 -9.21
CA ILE A 378 -36.39 0.00 -9.82
C ILE A 378 -36.51 -0.07 -11.34
N LYS A 379 -36.17 -1.21 -11.95
CA LYS A 379 -36.32 -1.35 -13.39
C LYS A 379 -37.80 -1.37 -13.78
N ARG A 380 -38.63 -2.03 -12.98
CA ARG A 380 -40.06 -2.09 -13.26
C ARG A 380 -40.70 -0.72 -13.07
N GLU A 381 -40.35 -0.02 -11.99
CA GLU A 381 -40.88 1.33 -11.80
C GLU A 381 -40.48 2.25 -12.94
N LEU A 382 -39.21 2.19 -13.38
CA LEU A 382 -38.78 3.10 -14.44
C LEU A 382 -39.50 2.80 -15.76
N ASN A 383 -39.72 1.51 -16.07
CA ASN A 383 -40.46 1.18 -17.28
C ASN A 383 -41.87 1.77 -17.24
N HIS A 384 -42.57 1.59 -16.13
CA HIS A 384 -43.91 2.15 -16.00
C HIS A 384 -43.89 3.67 -16.14
N LEU A 385 -42.81 4.31 -15.67
CA LEU A 385 -42.73 5.77 -15.74
C LEU A 385 -42.55 6.25 -17.18
N LEU A 386 -41.65 5.61 -17.92
CA LEU A 386 -41.45 5.98 -19.32
C LEU A 386 -42.76 5.86 -20.09
N TYR A 387 -43.61 4.89 -19.73
CA TYR A 387 -44.91 4.80 -20.35
C TYR A 387 -45.80 5.96 -19.92
N GLN A 388 -45.92 6.20 -18.62
CA GLN A 388 -46.78 7.29 -18.13
C GLN A 388 -46.34 8.63 -18.70
N ARG A 389 -45.04 8.83 -18.86
CA ARG A 389 -44.51 10.11 -19.29
C ARG A 389 -44.52 10.28 -20.80
N GLY A 390 -44.90 9.26 -21.56
CA GLY A 390 -45.00 9.38 -23.01
C GLY A 390 -43.69 9.29 -23.76
N TYR A 391 -42.61 8.82 -23.12
CA TYR A 391 -41.33 8.64 -23.80
C TYR A 391 -41.35 7.38 -24.66
N TYR A 392 -40.72 7.47 -25.84
CA TYR A 392 -40.58 6.28 -26.67
C TYR A 392 -39.52 5.35 -26.08
N ASN A 393 -38.36 5.88 -25.69
CA ASN A 393 -37.36 5.10 -24.98
C ASN A 393 -36.67 5.99 -23.95
N LEU A 394 -35.76 5.38 -23.18
CA LEU A 394 -35.03 6.12 -22.16
C LEU A 394 -34.11 7.18 -22.76
N LYS A 395 -33.42 6.86 -23.85
CA LYS A 395 -32.51 7.84 -24.47
C LYS A 395 -33.23 9.15 -24.77
N GLU A 396 -34.53 9.09 -25.12
CA GLU A 396 -35.28 10.29 -25.39
C GLU A 396 -35.38 11.20 -24.16
N ALA A 397 -35.28 10.64 -22.96
CA ALA A 397 -35.44 11.44 -21.76
C ALA A 397 -34.17 12.13 -21.29
N ILE A 398 -33.01 11.76 -21.85
CA ILE A 398 -31.73 12.27 -21.34
C ILE A 398 -31.66 13.78 -21.53
N GLY A 399 -31.48 14.51 -20.43
CA GLY A 399 -31.37 15.96 -20.47
C GLY A 399 -32.66 16.69 -20.81
N ARG A 400 -33.80 16.01 -20.78
CA ARG A 400 -35.03 16.67 -21.21
C ARG A 400 -35.47 17.78 -20.27
N LYS A 401 -34.98 17.80 -19.03
CA LYS A 401 -35.21 18.94 -18.16
C LYS A 401 -34.77 20.25 -18.82
N HIS A 402 -33.74 20.21 -19.65
CA HIS A 402 -33.19 21.40 -20.31
C HIS A 402 -33.66 21.53 -21.76
N SER A 403 -34.96 21.38 -22.00
CA SER A 403 -35.51 21.53 -23.35
C SER A 403 -36.48 22.71 -23.42
N PHE B 24 47.72 14.33 17.40
CA PHE B 24 47.03 13.91 18.62
C PHE B 24 45.53 14.08 18.49
N GLU B 25 45.05 14.28 17.24
CA GLU B 25 43.63 14.38 16.89
C GLU B 25 42.95 13.03 16.96
N SER B 26 42.94 12.42 18.15
CA SER B 26 42.31 11.12 18.36
C SER B 26 40.81 11.14 18.08
N TYR B 27 40.16 12.31 18.07
CA TYR B 27 38.72 12.41 17.83
C TYR B 27 38.35 12.13 16.37
N ASN B 28 39.33 12.14 15.45
CA ASN B 28 39.05 11.93 14.04
C ASN B 28 38.96 10.43 13.74
N PRO B 29 37.87 9.96 13.13
CA PRO B 29 37.73 8.51 12.89
C PRO B 29 38.79 7.94 11.96
N GLU B 30 39.48 8.77 11.17
CA GLU B 30 40.56 8.32 10.30
C GLU B 30 41.95 8.39 10.95
N PHE B 31 42.02 8.78 12.23
CA PHE B 31 43.28 8.81 12.97
C PHE B 31 44.02 7.49 12.79
N PHE B 32 45.30 7.57 12.45
CA PHE B 32 46.02 6.41 11.92
C PHE B 32 46.03 5.22 12.88
N LEU B 33 46.06 5.49 14.20
CA LEU B 33 46.27 4.42 15.17
C LEU B 33 45.12 3.41 15.20
N TYR B 34 43.91 3.84 14.86
CA TYR B 34 42.76 2.94 14.97
C TYR B 34 42.89 1.75 14.02
N ASP B 35 43.44 1.98 12.81
CA ASP B 35 43.64 0.90 11.86
C ASP B 35 44.75 -0.05 12.33
N ILE B 36 45.80 0.49 12.95
CA ILE B 36 46.86 -0.36 13.46
C ILE B 36 46.31 -1.29 14.54
N PHE B 37 45.55 -0.72 15.49
CA PHE B 37 44.93 -1.53 16.54
C PHE B 37 43.96 -2.55 15.95
N LEU B 38 43.21 -2.16 14.92
CA LEU B 38 42.21 -3.04 14.32
C LEU B 38 42.87 -4.26 13.69
N LYS B 39 43.92 -4.05 12.89
CA LYS B 39 44.59 -5.20 12.26
C LYS B 39 45.08 -6.17 13.32
N PHE B 40 45.61 -5.66 14.42
CA PHE B 40 46.05 -6.49 15.52
C PHE B 40 44.89 -7.27 16.13
N CYS B 41 43.77 -6.59 16.37
CA CYS B 41 42.63 -7.23 17.03
C CYS B 41 42.00 -8.32 16.15
N LEU B 42 41.90 -8.06 14.85
CA LEU B 42 41.32 -9.05 13.94
C LEU B 42 42.15 -10.32 13.87
N LYS B 43 43.46 -10.21 14.10
CA LYS B 43 44.33 -11.36 14.01
C LYS B 43 44.32 -12.18 15.30
N TYR B 44 44.38 -11.51 16.46
CA TYR B 44 44.72 -12.18 17.71
C TYR B 44 43.63 -12.20 18.78
N ILE B 45 42.57 -11.40 18.64
CA ILE B 45 41.59 -11.23 19.70
C ILE B 45 40.26 -11.80 19.24
N ASP B 46 39.56 -12.47 20.15
CA ASP B 46 38.22 -12.99 19.86
C ASP B 46 37.28 -11.88 19.38
N GLY B 47 36.51 -12.18 18.32
CA GLY B 47 35.66 -11.18 17.70
C GLY B 47 34.62 -10.58 18.64
N GLU B 48 33.85 -11.42 19.32
CA GLU B 48 32.82 -10.87 20.19
C GLU B 48 33.43 -10.06 21.33
N ILE B 49 34.58 -10.50 21.84
CA ILE B 49 35.25 -9.72 22.89
C ILE B 49 35.62 -8.34 22.37
N CYS B 50 36.20 -8.27 21.17
CA CYS B 50 36.46 -6.96 20.54
C CYS B 50 35.20 -6.12 20.47
N HIS B 51 34.07 -6.76 20.14
CA HIS B 51 32.84 -6.00 20.00
C HIS B 51 32.36 -5.48 21.34
N ASP B 52 32.47 -6.31 22.40
CA ASP B 52 32.05 -5.90 23.73
C ASP B 52 32.82 -4.68 24.20
N LEU B 53 34.13 -4.65 23.95
CA LEU B 53 34.93 -3.50 24.37
C LEU B 53 34.52 -2.24 23.63
N PHE B 54 34.32 -2.35 22.31
CA PHE B 54 33.80 -1.23 21.55
C PHE B 54 32.51 -0.69 22.16
N LEU B 55 31.57 -1.59 22.46
CA LEU B 55 30.30 -1.16 23.04
C LEU B 55 30.53 -0.45 24.37
N LEU B 56 31.56 -0.87 25.10
CA LEU B 56 31.84 -0.26 26.40
C LEU B 56 32.50 1.11 26.26
N LEU B 57 33.40 1.26 25.30
CA LEU B 57 33.96 2.58 25.01
C LEU B 57 32.86 3.56 24.60
N GLY B 58 31.97 3.12 23.71
CA GLY B 58 30.87 3.98 23.30
C GLY B 58 29.98 4.39 24.45
N LYS B 59 29.79 3.49 25.43
CA LYS B 59 28.98 3.82 26.59
C LYS B 59 29.51 5.06 27.29
N TYR B 60 30.83 5.22 27.35
CA TYR B 60 31.47 6.30 28.08
C TYR B 60 31.80 7.49 27.19
N ASN B 61 31.38 7.47 25.92
CA ASN B 61 31.57 8.58 25.00
C ASN B 61 33.06 8.88 24.79
N ILE B 62 33.81 7.83 24.46
CA ILE B 62 35.25 7.94 24.22
C ILE B 62 35.61 7.69 22.75
N LEU B 63 34.65 7.25 21.95
CA LEU B 63 34.93 6.96 20.55
C LEU B 63 35.17 8.23 19.73
N PRO B 64 35.91 8.12 18.62
CA PRO B 64 36.03 9.26 17.71
C PRO B 64 34.70 9.52 17.02
N TYR B 65 34.57 10.71 16.45
CA TYR B 65 33.30 11.09 15.85
C TYR B 65 33.51 11.92 14.59
N ASP B 66 32.61 11.75 13.64
CA ASP B 66 32.57 12.56 12.43
C ASP B 66 31.31 13.43 12.52
N THR B 67 31.49 14.72 12.74
CA THR B 67 30.35 15.65 12.79
C THR B 67 30.32 16.54 11.56
N SER B 68 30.99 16.13 10.49
CA SER B 68 31.00 16.86 9.24
C SER B 68 29.61 16.83 8.60
N ASN B 69 29.33 17.85 7.81
CA ASN B 69 28.05 17.94 7.11
C ASN B 69 28.06 17.02 5.89
N ASP B 70 27.05 16.15 5.83
CA ASP B 70 26.91 15.23 4.71
C ASP B 70 26.38 15.98 3.49
N SER B 71 26.72 15.46 2.31
CA SER B 71 26.26 16.11 1.09
C SER B 71 24.75 15.95 0.96
N ILE B 72 24.05 17.06 0.74
CA ILE B 72 22.59 16.99 0.59
C ILE B 72 22.21 16.23 -0.66
N TYR B 73 23.12 16.07 -1.62
CA TYR B 73 22.82 15.33 -2.84
C TYR B 73 22.94 13.82 -2.65
N ALA B 74 23.27 13.36 -1.45
CA ALA B 74 23.30 11.94 -1.17
C ALA B 74 22.30 11.56 -0.09
N CYS B 75 21.41 12.46 0.28
CA CYS B 75 20.32 12.06 1.16
C CYS B 75 19.36 11.14 0.42
N THR B 76 18.50 10.49 1.18
CA THR B 76 17.54 9.54 0.62
C THR B 76 16.38 9.44 1.61
N ASN B 77 15.28 8.83 1.17
CA ASN B 77 14.12 8.70 2.04
C ASN B 77 13.40 7.40 1.77
N ILE B 78 12.69 6.92 2.80
CA ILE B 78 11.68 5.88 2.67
C ILE B 78 10.42 6.43 3.33
N LYS B 79 9.40 6.72 2.51
CA LYS B 79 8.20 7.48 2.91
C LYS B 79 8.69 8.73 3.65
N HIS B 80 8.24 8.99 4.87
CA HIS B 80 8.61 10.19 5.61
C HIS B 80 9.94 10.05 6.34
N LEU B 81 10.60 8.89 6.26
CA LEU B 81 11.91 8.70 6.89
C LEU B 81 12.95 9.41 6.04
N ASP B 82 13.50 10.51 6.54
CA ASP B 82 14.46 11.34 5.79
C ASP B 82 15.87 11.03 6.29
N PHE B 83 16.59 10.20 5.55
CA PHE B 83 17.94 9.80 5.95
C PHE B 83 18.95 10.86 5.51
N ILE B 84 19.75 11.38 6.44
CA ILE B 84 20.67 12.46 6.09
C ILE B 84 21.79 11.98 5.18
N ASN B 85 22.09 10.69 5.20
CA ASN B 85 23.00 10.06 4.26
C ASN B 85 22.53 8.64 4.13
N PRO B 86 23.06 7.88 3.15
CA PRO B 86 22.45 6.58 2.86
C PRO B 86 23.00 5.38 3.62
N PHE B 87 23.75 5.59 4.70
CA PHE B 87 24.44 4.51 5.38
C PHE B 87 24.01 4.44 6.84
N GLY B 88 23.39 3.34 7.22
CA GLY B 88 23.09 3.04 8.60
C GLY B 88 23.80 1.78 9.04
N VAL B 89 23.59 1.44 10.31
CA VAL B 89 24.19 0.28 10.95
C VAL B 89 23.10 -0.78 11.12
N ALA B 90 23.35 -1.96 10.57
CA ALA B 90 22.38 -3.05 10.54
C ALA B 90 22.11 -3.62 11.93
N ALA B 91 21.06 -4.42 12.03
CA ALA B 91 20.67 -5.03 13.29
C ALA B 91 21.74 -6.00 13.78
N GLY B 92 21.76 -6.21 15.08
CA GLY B 92 22.71 -7.11 15.71
C GLY B 92 24.04 -6.47 16.09
N PHE B 93 24.28 -5.22 15.68
CA PHE B 93 25.50 -4.53 16.05
C PHE B 93 25.39 -3.93 17.44
N ASP B 94 24.29 -3.25 17.72
CA ASP B 94 23.93 -2.78 19.07
C ASP B 94 22.62 -3.46 19.43
N LYS B 95 22.70 -4.72 19.86
CA LYS B 95 21.50 -5.50 20.15
C LYS B 95 20.67 -4.89 21.28
N ASN B 96 21.32 -4.28 22.26
CA ASN B 96 20.64 -3.77 23.45
C ASN B 96 20.47 -2.26 23.47
N GLY B 97 20.89 -1.57 22.41
CA GLY B 97 20.73 -0.13 22.39
C GLY B 97 21.53 0.59 23.46
N VAL B 98 22.75 0.12 23.75
CA VAL B 98 23.58 0.75 24.78
C VAL B 98 24.62 1.68 24.18
N CYS B 99 24.71 1.75 22.85
CA CYS B 99 25.80 2.49 22.24
C CYS B 99 25.30 3.36 21.08
N ILE B 100 24.04 3.80 21.15
CA ILE B 100 23.39 4.38 19.99
C ILE B 100 24.07 5.69 19.59
N ASP B 101 24.18 6.64 20.53
CA ASP B 101 24.74 7.95 20.21
C ASP B 101 26.13 7.81 19.58
N SER B 102 26.99 6.99 20.18
CA SER B 102 28.38 6.90 19.73
C SER B 102 28.48 6.25 18.35
N ILE B 103 27.67 5.23 18.08
CA ILE B 103 27.70 4.62 16.75
C ILE B 103 27.22 5.59 15.70
N LEU B 104 26.09 6.27 15.95
CA LEU B 104 25.59 7.26 15.00
C LEU B 104 26.64 8.33 14.72
N LYS B 105 27.34 8.81 15.77
CA LYS B 105 28.28 9.92 15.60
C LYS B 105 29.56 9.53 14.86
N LEU B 106 29.75 8.25 14.56
CA LEU B 106 30.80 7.89 13.61
C LEU B 106 30.49 8.38 12.21
N GLY B 107 29.24 8.74 11.90
CA GLY B 107 28.92 9.29 10.60
C GLY B 107 27.73 8.61 9.93
N PHE B 108 27.06 7.73 10.65
CA PHE B 108 25.91 6.99 10.11
C PHE B 108 24.62 7.80 10.28
N SER B 109 23.68 7.59 9.35
CA SER B 109 22.40 8.30 9.42
C SER B 109 21.36 7.57 10.28
N PHE B 110 21.52 6.26 10.50
CA PHE B 110 20.56 5.54 11.33
C PHE B 110 21.18 4.25 11.86
N ILE B 111 20.49 3.65 12.81
CA ILE B 111 20.89 2.35 13.33
C ILE B 111 19.60 1.57 13.61
N GLU B 112 19.66 0.27 13.37
CA GLU B 112 18.60 -0.69 13.71
C GLU B 112 19.07 -1.45 14.94
N ILE B 113 18.54 -1.11 16.13
CA ILE B 113 18.94 -1.84 17.34
C ILE B 113 18.16 -3.16 17.38
N GLY B 114 18.56 -4.06 18.27
CA GLY B 114 17.99 -5.40 18.26
C GLY B 114 18.88 -6.33 17.46
N THR B 115 18.39 -7.53 17.14
CA THR B 115 17.01 -7.97 17.38
C THR B 115 16.70 -8.21 18.85
N ILE B 116 15.56 -7.71 19.34
CA ILE B 116 15.16 -7.92 20.71
C ILE B 116 14.05 -8.97 20.78
N THR B 117 13.89 -9.57 21.95
CA THR B 117 12.83 -10.54 22.24
C THR B 117 12.13 -10.14 23.53
N PRO B 118 10.88 -10.60 23.77
CA PRO B 118 10.19 -10.19 24.99
C PRO B 118 11.00 -10.40 26.27
N ARG B 119 11.50 -11.61 26.48
CA ARG B 119 12.40 -11.92 27.59
C ARG B 119 13.84 -11.88 27.09
N GLY B 120 14.77 -11.58 28.01
CA GLY B 120 16.18 -11.63 27.68
C GLY B 120 16.63 -13.04 27.36
N GLN B 121 17.76 -13.14 26.68
CA GLN B 121 18.35 -14.43 26.33
C GLN B 121 19.86 -14.26 26.32
N THR B 122 20.58 -15.30 26.76
CA THR B 122 22.04 -15.25 26.62
C THR B 122 22.53 -15.77 25.27
N GLY B 123 21.69 -16.49 24.53
CA GLY B 123 22.08 -16.99 23.24
C GLY B 123 22.84 -18.30 23.30
N ASN B 124 23.44 -18.63 22.17
CA ASN B 124 24.17 -19.89 22.08
C ASN B 124 25.54 -19.76 22.73
N ALA B 125 26.20 -20.91 22.92
CA ALA B 125 27.46 -20.95 23.62
C ALA B 125 28.54 -20.22 22.83
N LYS B 126 29.42 -19.55 23.54
CA LYS B 126 30.60 -18.82 23.10
C LYS B 126 31.81 -19.75 23.06
N PRO B 127 32.79 -19.49 22.18
CA PRO B 127 32.77 -18.40 21.19
C PRO B 127 31.81 -18.68 20.03
N ARG B 128 31.13 -17.65 19.51
CA ARG B 128 30.10 -17.87 18.50
C ARG B 128 30.18 -16.88 17.34
N ILE B 129 31.26 -16.12 17.20
CA ILE B 129 31.43 -15.18 16.10
C ILE B 129 32.86 -15.30 15.60
N PHE B 130 33.02 -15.48 14.29
CA PHE B 130 34.36 -15.62 13.73
C PHE B 130 34.48 -14.78 12.46
N ARG B 131 35.65 -14.23 12.24
CA ARG B 131 35.93 -13.39 11.09
C ARG B 131 37.06 -13.98 10.27
N ASP B 132 36.98 -13.83 8.97
CA ASP B 132 38.02 -14.26 8.05
C ASP B 132 38.50 -13.02 7.32
N VAL B 133 39.69 -12.54 7.66
CA VAL B 133 40.16 -11.27 7.11
C VAL B 133 40.37 -11.38 5.61
N GLU B 134 40.95 -12.50 5.17
CA GLU B 134 41.22 -12.75 3.76
C GLU B 134 39.99 -12.53 2.88
N SER B 135 38.88 -13.18 3.24
CA SER B 135 37.67 -13.10 2.43
C SER B 135 36.72 -12.01 2.90
N ARG B 136 37.09 -11.25 3.93
CA ARG B 136 36.23 -10.21 4.51
C ARG B 136 34.84 -10.76 4.83
N SER B 137 34.82 -11.88 5.54
CA SER B 137 33.59 -12.58 5.84
C SER B 137 33.50 -12.86 7.34
N ILE B 138 32.26 -12.96 7.82
CA ILE B 138 31.98 -13.23 9.22
C ILE B 138 30.97 -14.37 9.27
N ILE B 139 31.08 -15.23 10.28
CA ILE B 139 30.05 -16.21 10.57
C ILE B 139 29.69 -16.11 12.05
N ASN B 140 28.41 -16.27 12.36
CA ASN B 140 27.96 -16.12 13.73
C ASN B 140 26.79 -17.05 13.99
N SER B 141 26.73 -17.58 15.22
CA SER B 141 25.56 -18.30 15.72
C SER B 141 25.19 -17.69 17.07
N CYS B 142 24.77 -16.42 17.04
CA CYS B 142 24.51 -15.71 18.30
C CYS B 142 23.27 -16.25 19.00
N GLY B 143 22.14 -16.30 18.29
CA GLY B 143 20.91 -16.83 18.87
C GLY B 143 20.10 -15.79 19.62
N PHE B 144 20.08 -14.55 19.14
CA PHE B 144 19.22 -13.51 19.71
C PHE B 144 19.57 -13.24 21.16
N ASN B 145 20.87 -13.11 21.45
CA ASN B 145 21.30 -12.66 22.77
C ASN B 145 20.89 -11.20 22.94
N ASN B 146 20.09 -10.91 23.98
CA ASN B 146 19.72 -9.53 24.26
C ASN B 146 19.19 -9.48 25.68
N MET B 147 19.10 -8.26 26.21
CA MET B 147 18.64 -8.05 27.58
C MET B 147 17.14 -8.16 27.74
N GLY B 148 16.40 -8.30 26.64
CA GLY B 148 14.96 -8.36 26.69
C GLY B 148 14.31 -7.02 26.39
N CYS B 149 13.09 -7.10 25.85
CA CYS B 149 12.40 -5.91 25.35
C CYS B 149 12.28 -4.82 26.41
N ASP B 150 12.04 -5.20 27.67
CA ASP B 150 11.77 -4.17 28.68
C ASP B 150 13.01 -3.35 29.02
N LYS B 151 14.16 -4.01 29.15
CA LYS B 151 15.40 -3.29 29.43
C LYS B 151 15.88 -2.50 28.22
N VAL B 152 15.78 -3.07 27.02
CA VAL B 152 16.19 -2.33 25.82
C VAL B 152 15.29 -1.11 25.58
N THR B 153 14.00 -1.21 25.92
CA THR B 153 13.15 -0.03 25.86
C THR B 153 13.66 1.07 26.79
N GLU B 154 14.08 0.72 28.01
CA GLU B 154 14.62 1.74 28.91
C GLU B 154 15.88 2.37 28.31
N ASN B 155 16.72 1.56 27.65
CA ASN B 155 17.90 2.12 27.00
C ASN B 155 17.50 3.07 25.87
N LEU B 156 16.50 2.69 25.08
CA LEU B 156 16.07 3.54 23.97
C LEU B 156 15.43 4.83 24.47
N ILE B 157 14.66 4.73 25.55
CA ILE B 157 14.05 5.92 26.16
C ILE B 157 15.12 6.91 26.58
N LEU B 158 16.21 6.40 27.20
CA LEU B 158 17.29 7.28 27.60
C LEU B 158 17.90 7.97 26.39
N PHE B 159 18.09 7.24 25.28
CA PHE B 159 18.58 7.89 24.06
C PHE B 159 17.61 8.96 23.59
N ARG B 160 16.32 8.63 23.54
CA ARG B 160 15.33 9.59 23.08
C ARG B 160 15.31 10.85 23.95
N LYS B 161 15.58 10.71 25.25
CA LYS B 161 15.65 11.90 26.11
C LYS B 161 16.90 12.72 25.80
N ARG B 162 18.03 12.06 25.54
CA ARG B 162 19.24 12.80 25.17
C ARG B 162 19.08 13.49 23.82
N GLN B 163 18.44 12.81 22.86
CA GLN B 163 18.23 13.35 21.53
C GLN B 163 17.41 14.64 21.58
N GLU B 164 16.38 14.68 22.42
CA GLU B 164 15.56 15.87 22.54
C GLU B 164 16.40 17.09 22.93
N GLU B 165 17.54 16.89 23.60
CA GLU B 165 18.40 17.99 24.03
C GLU B 165 19.64 18.19 23.16
N ASP B 166 19.93 17.27 22.23
CA ASP B 166 21.14 17.36 21.40
C ASP B 166 20.74 17.58 19.95
N LYS B 167 20.74 18.84 19.51
CA LYS B 167 20.32 19.14 18.14
C LYS B 167 21.19 18.42 17.11
N LEU B 168 22.40 18.00 17.47
CA LEU B 168 23.24 17.22 16.57
C LEU B 168 22.77 15.77 16.40
N LEU B 169 21.70 15.34 17.08
CA LEU B 169 21.13 14.01 16.87
C LEU B 169 19.68 14.08 16.41
N SER B 170 19.16 15.27 16.13
CA SER B 170 17.73 15.44 15.95
C SER B 170 17.21 14.81 14.67
N LYS B 171 18.08 14.53 13.69
CA LYS B 171 17.63 13.92 12.44
C LYS B 171 18.04 12.46 12.29
N HIS B 172 18.85 11.93 13.20
CA HIS B 172 19.23 10.54 13.10
C HIS B 172 18.04 9.64 13.42
N ILE B 173 17.99 8.49 12.75
CA ILE B 173 16.84 7.58 12.81
C ILE B 173 17.25 6.33 13.60
N VAL B 174 16.33 5.80 14.40
CA VAL B 174 16.55 4.54 15.11
C VAL B 174 15.37 3.62 14.82
N GLY B 175 15.64 2.50 14.18
CA GLY B 175 14.67 1.43 14.06
C GLY B 175 14.92 0.35 15.11
N VAL B 176 13.93 -0.51 15.31
CA VAL B 176 14.03 -1.61 16.27
C VAL B 176 13.66 -2.90 15.55
N SER B 177 14.57 -3.87 15.54
CA SER B 177 14.32 -5.19 15.02
C SER B 177 13.69 -6.05 16.12
N ILE B 178 12.59 -6.76 15.81
CA ILE B 178 11.90 -7.55 16.83
C ILE B 178 11.79 -9.00 16.38
N GLY B 179 11.90 -9.93 17.34
CA GLY B 179 11.81 -11.35 17.03
C GLY B 179 11.12 -12.13 18.14
N LYS B 180 11.33 -13.43 18.22
CA LYS B 180 10.70 -14.26 19.24
C LYS B 180 11.76 -14.90 20.13
N ASN B 181 11.39 -15.12 21.40
CA ASN B 181 12.22 -15.96 22.24
C ASN B 181 12.29 -17.36 21.65
N LYS B 182 13.40 -18.05 21.94
CA LYS B 182 13.67 -19.34 21.33
C LYS B 182 12.54 -20.35 21.56
N ASP B 183 11.95 -20.38 22.76
CA ASP B 183 10.95 -21.43 23.05
C ASP B 183 9.51 -20.97 22.84
N THR B 184 9.29 -19.76 22.33
CA THR B 184 7.94 -19.27 22.11
C THR B 184 7.24 -20.05 21.01
N VAL B 185 6.01 -20.50 21.27
CA VAL B 185 5.26 -21.27 20.29
C VAL B 185 4.71 -20.39 19.17
N ASN B 186 4.02 -19.29 19.51
CA ASN B 186 3.41 -18.41 18.53
C ASN B 186 4.19 -17.10 18.48
N ILE B 187 4.96 -16.93 17.40
CA ILE B 187 5.80 -15.75 17.25
C ILE B 187 4.98 -14.46 17.37
N VAL B 188 3.72 -14.48 16.93
CA VAL B 188 2.93 -13.26 16.90
C VAL B 188 2.79 -12.67 18.29
N ASP B 189 2.57 -13.54 19.30
CA ASP B 189 2.52 -13.10 20.69
C ASP B 189 3.75 -12.26 21.06
N ASP B 190 4.93 -12.75 20.67
CA ASP B 190 6.16 -12.04 21.05
C ASP B 190 6.30 -10.73 20.29
N LEU B 191 5.90 -10.71 19.01
CA LEU B 191 6.00 -9.48 18.22
C LEU B 191 5.07 -8.41 18.77
N LYS B 192 3.86 -8.82 19.17
CA LYS B 192 2.92 -7.86 19.76
C LYS B 192 3.45 -7.30 21.07
N TYR B 193 4.05 -8.17 21.90
CA TYR B 193 4.61 -7.70 23.15
C TYR B 193 5.64 -6.60 22.91
N CYS B 194 6.55 -6.80 21.96
CA CYS B 194 7.57 -5.79 21.69
C CYS B 194 6.95 -4.50 21.17
N ILE B 195 5.93 -4.61 20.31
CA ILE B 195 5.27 -3.41 19.77
C ILE B 195 4.72 -2.56 20.89
N ASN B 196 4.00 -3.19 21.83
CA ASN B 196 3.32 -2.45 22.88
C ASN B 196 4.29 -1.83 23.87
N LYS B 197 5.52 -2.32 23.90
CA LYS B 197 6.52 -1.81 24.83
C LYS B 197 7.42 -0.77 24.17
N ILE B 198 7.97 -1.07 23.01
CA ILE B 198 8.98 -0.19 22.41
C ILE B 198 8.49 0.54 21.16
N GLY B 199 7.33 0.18 20.60
CA GLY B 199 6.94 0.74 19.30
C GLY B 199 6.88 2.26 19.26
N ARG B 200 6.43 2.86 20.35
CA ARG B 200 6.27 4.30 20.45
C ARG B 200 7.58 5.09 20.42
N TYR B 201 8.72 4.43 20.60
CA TYR B 201 10.03 5.08 20.60
C TYR B 201 10.81 4.79 19.33
N ALA B 202 10.25 4.01 18.43
CA ALA B 202 10.94 3.52 17.24
C ALA B 202 10.50 4.34 16.02
N ASP B 203 11.46 4.65 15.15
CA ASP B 203 11.05 5.28 13.89
C ASP B 203 10.53 4.26 12.90
N TYR B 204 11.01 3.02 13.00
CA TYR B 204 10.45 1.92 12.23
C TYR B 204 10.68 0.64 13.01
N ILE B 205 9.87 -0.38 12.69
CA ILE B 205 10.00 -1.71 13.26
C ILE B 205 10.42 -2.63 12.14
N ALA B 206 11.47 -3.43 12.38
CA ALA B 206 11.87 -4.49 11.45
C ALA B 206 11.41 -5.82 12.00
N ILE B 207 10.57 -6.51 11.23
CA ILE B 207 10.13 -7.85 11.62
C ILE B 207 11.20 -8.84 11.16
N ASN B 208 11.82 -9.50 12.12
CA ASN B 208 12.91 -10.42 11.84
C ASN B 208 12.33 -11.84 11.74
N VAL B 209 12.10 -12.29 10.51
CA VAL B 209 11.70 -13.67 10.26
C VAL B 209 12.79 -14.43 9.52
N SER B 210 14.06 -14.02 9.66
CA SER B 210 15.11 -14.56 8.81
C SER B 210 16.40 -14.92 9.54
N SER B 211 16.52 -14.72 10.85
CA SER B 211 17.70 -15.22 11.57
C SER B 211 17.86 -16.71 11.33
N PRO B 212 19.04 -17.17 10.92
CA PRO B 212 19.27 -18.62 10.79
C PRO B 212 19.51 -19.32 12.12
N ASN B 213 19.58 -18.58 13.22
CA ASN B 213 20.10 -19.11 14.47
C ASN B 213 19.02 -19.32 15.53
N THR B 214 17.75 -19.17 15.18
CA THR B 214 16.64 -19.58 16.05
C THR B 214 15.86 -20.67 15.33
N PRO B 215 15.84 -21.90 15.83
CA PRO B 215 15.12 -22.98 15.13
C PRO B 215 13.67 -22.60 14.82
N GLY B 216 13.24 -22.91 13.60
CA GLY B 216 11.89 -22.65 13.16
C GLY B 216 11.59 -21.23 12.71
N LEU B 217 12.47 -20.26 13.00
CA LEU B 217 12.09 -18.87 12.75
C LEU B 217 11.88 -18.62 11.25
N ARG B 218 12.72 -19.19 10.40
CA ARG B 218 12.66 -18.92 8.96
C ARG B 218 11.41 -19.51 8.32
N ASP B 219 10.75 -20.46 8.98
CA ASP B 219 9.49 -21.00 8.45
C ASP B 219 8.41 -19.94 8.34
N ASN B 220 8.53 -18.85 9.10
CA ASN B 220 7.55 -17.77 9.08
C ASN B 220 7.64 -16.90 7.82
N GLN B 221 8.55 -17.20 6.91
CA GLN B 221 8.57 -16.54 5.61
C GLN B 221 7.58 -17.18 4.63
N GLU B 222 6.98 -18.31 5.01
CA GLU B 222 5.90 -18.88 4.22
C GLU B 222 4.77 -17.86 4.09
N ALA B 223 4.18 -17.78 2.89
CA ALA B 223 3.29 -16.68 2.54
C ALA B 223 2.15 -16.50 3.53
N GLY B 224 1.44 -17.57 3.86
CA GLY B 224 0.32 -17.46 4.78
C GLY B 224 0.73 -17.01 6.18
N LYS B 225 1.80 -17.60 6.71
CA LYS B 225 2.28 -17.18 8.03
C LYS B 225 2.76 -15.73 8.01
N LEU B 226 3.50 -15.36 6.97
CA LEU B 226 4.02 -13.99 6.89
C LEU B 226 2.88 -12.97 6.80
N LYS B 227 1.83 -13.28 6.03
CA LYS B 227 0.73 -12.35 5.89
C LYS B 227 0.07 -12.07 7.22
N ASN B 228 -0.20 -13.13 7.99
CA ASN B 228 -0.79 -12.97 9.31
C ASN B 228 0.15 -12.18 10.23
N ILE B 229 1.45 -12.45 10.16
CA ILE B 229 2.42 -11.76 11.00
C ILE B 229 2.40 -10.26 10.69
N ILE B 230 2.46 -9.91 9.40
CA ILE B 230 2.49 -8.50 9.02
C ILE B 230 1.20 -7.80 9.44
N LEU B 231 0.04 -8.43 9.15
CA LEU B 231 -1.22 -7.79 9.50
C LEU B 231 -1.36 -7.64 11.00
N SER B 232 -0.91 -8.65 11.77
CA SER B 232 -0.95 -8.58 13.23
C SER B 232 -0.08 -7.46 13.76
N VAL B 233 1.15 -7.36 13.25
CA VAL B 233 2.08 -6.32 13.70
C VAL B 233 1.51 -4.95 13.38
N LYS B 234 1.02 -4.76 12.14
CA LYS B 234 0.45 -3.48 11.73
C LYS B 234 -0.76 -3.13 12.58
N GLU B 235 -1.63 -4.10 12.85
CA GLU B 235 -2.79 -3.82 13.69
C GLU B 235 -2.35 -3.42 15.09
N GLU B 236 -1.32 -4.08 15.63
CA GLU B 236 -0.86 -3.70 16.97
C GLU B 236 -0.29 -2.28 16.97
N ILE B 237 0.47 -1.92 15.94
CA ILE B 237 0.97 -0.57 15.86
C ILE B 237 -0.17 0.44 15.73
N ASP B 238 -1.13 0.15 14.83
CA ASP B 238 -2.26 1.06 14.65
C ASP B 238 -3.08 1.21 15.92
N ASN B 239 -3.16 0.17 16.76
CA ASN B 239 -3.92 0.27 18.00
C ASN B 239 -3.26 1.20 19.00
N LEU B 240 -1.93 1.34 18.98
CA LEU B 240 -1.30 2.40 19.76
C LEU B 240 -1.90 3.73 19.30
N TRP B 252 4.19 10.14 19.94
CA TRP B 252 5.29 9.37 19.36
C TRP B 252 6.63 9.95 19.82
N PHE B 253 7.43 9.15 20.50
CA PHE B 253 8.67 9.69 21.04
C PHE B 253 9.85 9.15 20.27
N ASN B 254 9.91 9.55 19.00
CA ASN B 254 10.90 9.04 18.07
C ASN B 254 11.43 10.23 17.28
N THR B 255 12.08 9.97 16.15
CA THR B 255 12.58 11.07 15.35
C THR B 255 11.48 11.67 14.47
N THR B 256 10.70 10.81 13.83
CA THR B 256 9.69 11.23 12.87
C THR B 256 8.51 11.93 13.52
N LYS B 257 8.28 11.69 14.81
CA LYS B 257 7.06 12.08 15.51
C LYS B 257 5.81 11.47 14.87
N LYS B 258 5.99 10.35 14.17
CA LYS B 258 4.91 9.64 13.51
C LYS B 258 4.95 8.17 13.93
N LYS B 259 3.84 7.46 13.68
CA LYS B 259 3.82 6.05 14.00
C LYS B 259 4.91 5.31 13.22
N PRO B 260 5.51 4.28 13.82
CA PRO B 260 6.64 3.62 13.15
C PRO B 260 6.20 2.93 11.87
N LEU B 261 7.03 3.05 10.84
CA LEU B 261 6.88 2.24 9.65
C LEU B 261 7.25 0.78 9.98
N VAL B 262 6.87 -0.13 9.08
CA VAL B 262 7.06 -1.56 9.29
C VAL B 262 7.84 -2.11 8.11
N PHE B 263 9.00 -2.70 8.39
CA PHE B 263 9.82 -3.40 7.41
C PHE B 263 9.83 -4.89 7.73
N VAL B 264 10.10 -5.69 6.70
CA VAL B 264 10.40 -7.09 6.94
C VAL B 264 11.82 -7.38 6.46
N LYS B 265 12.58 -8.16 7.24
CA LYS B 265 13.91 -8.58 6.87
C LYS B 265 13.86 -10.03 6.42
N LEU B 266 14.32 -10.28 5.19
CA LEU B 266 14.19 -11.56 4.52
C LEU B 266 15.52 -12.29 4.44
N ALA B 267 15.44 -13.61 4.38
CA ALA B 267 16.63 -14.43 4.25
C ALA B 267 16.97 -14.63 2.77
N PRO B 268 18.25 -14.68 2.43
CA PRO B 268 18.63 -14.90 1.03
C PRO B 268 18.44 -16.33 0.57
N ASP B 269 18.12 -17.25 1.49
CA ASP B 269 18.07 -18.68 1.17
C ASP B 269 16.61 -19.06 0.93
N LEU B 270 16.13 -18.71 -0.26
CA LEU B 270 14.77 -18.97 -0.68
C LEU B 270 14.80 -19.31 -2.16
N ASN B 271 13.84 -20.11 -2.62
CA ASN B 271 13.73 -20.35 -4.05
C ASN B 271 12.87 -19.26 -4.69
N GLN B 272 12.78 -19.29 -6.02
CA GLN B 272 12.07 -18.24 -6.75
C GLN B 272 10.58 -18.23 -6.41
N GLU B 273 9.98 -19.42 -6.26
CA GLU B 273 8.55 -19.49 -5.96
CA GLU B 273 8.54 -19.46 -5.97
C GLU B 273 8.23 -18.87 -4.59
N GLN B 274 9.10 -19.08 -3.59
CA GLN B 274 8.87 -18.46 -2.30
C GLN B 274 9.05 -16.94 -2.39
N LYS B 275 10.06 -16.47 -3.13
CA LYS B 275 10.24 -15.03 -3.29
C LYS B 275 9.01 -14.40 -3.91
N LYS B 276 8.42 -15.05 -4.91
CA LYS B 276 7.26 -14.47 -5.58
C LYS B 276 6.04 -14.47 -4.68
N GLU B 277 5.84 -15.57 -3.93
CA GLU B 277 4.73 -15.60 -2.97
C GLU B 277 4.91 -14.54 -1.89
N ILE B 278 6.15 -14.32 -1.43
CA ILE B 278 6.38 -13.27 -0.43
C ILE B 278 6.07 -11.90 -1.02
N ALA B 279 6.55 -11.65 -2.23
CA ALA B 279 6.30 -10.36 -2.88
C ALA B 279 4.81 -10.08 -2.98
N ASP B 280 4.02 -11.08 -3.35
CA ASP B 280 2.57 -10.89 -3.44
C ASP B 280 2.00 -10.44 -2.11
N VAL B 281 2.45 -11.07 -1.01
CA VAL B 281 1.98 -10.74 0.32
C VAL B 281 2.43 -9.34 0.72
N LEU B 282 3.66 -8.96 0.37
CA LEU B 282 4.13 -7.62 0.71
C LEU B 282 3.29 -6.54 0.04
N LEU B 283 2.89 -6.79 -1.22
CA LEU B 283 2.05 -5.82 -1.93
C LEU B 283 0.67 -5.75 -1.29
N GLU B 284 0.12 -6.88 -0.87
CA GLU B 284 -1.24 -6.88 -0.33
C GLU B 284 -1.30 -6.25 1.05
N THR B 285 -0.28 -6.48 1.88
CA THR B 285 -0.29 -6.01 3.26
C THR B 285 0.28 -4.59 3.42
N ASN B 286 0.84 -4.01 2.36
CA ASN B 286 1.34 -2.63 2.37
C ASN B 286 2.52 -2.46 3.32
N ILE B 287 3.44 -3.43 3.35
CA ILE B 287 4.69 -3.26 4.10
C ILE B 287 5.42 -2.02 3.59
N ASP B 288 6.14 -1.34 4.49
CA ASP B 288 6.77 -0.07 4.13
C ASP B 288 8.16 -0.21 3.54
N GLY B 289 8.77 -1.37 3.69
CA GLY B 289 10.08 -1.62 3.12
C GLY B 289 10.46 -3.06 3.39
N MET B 290 11.42 -3.54 2.60
CA MET B 290 11.95 -4.88 2.84
C MET B 290 13.47 -4.77 2.95
N ILE B 291 14.02 -5.37 4.01
CA ILE B 291 15.47 -5.41 4.25
C ILE B 291 16.01 -6.67 3.56
N ILE B 292 16.83 -6.47 2.53
CA ILE B 292 17.39 -7.53 1.72
C ILE B 292 18.91 -7.39 1.80
N SER B 293 19.58 -8.28 2.55
CA SER B 293 18.99 -9.44 3.22
C SER B 293 19.74 -9.78 4.52
N ASN B 294 19.29 -10.84 5.20
CA ASN B 294 19.95 -11.41 6.37
C ASN B 294 21.12 -12.29 5.91
N THR B 295 21.76 -12.99 6.85
CA THR B 295 22.89 -13.86 6.51
C THR B 295 22.41 -15.12 5.78
N THR B 296 23.38 -15.82 5.20
CA THR B 296 23.12 -16.99 4.38
C THR B 296 23.76 -18.23 4.99
N THR B 297 23.15 -19.38 4.73
CA THR B 297 23.68 -20.68 5.08
C THR B 297 24.24 -21.42 3.88
N GLN B 298 24.46 -20.74 2.75
CA GLN B 298 24.79 -21.39 1.50
C GLN B 298 26.27 -21.34 1.13
N ILE B 299 27.12 -20.70 1.94
CA ILE B 299 28.53 -20.58 1.61
C ILE B 299 29.36 -21.44 2.56
N ASN B 300 30.12 -22.37 2.00
CA ASN B 300 30.92 -23.28 2.80
C ASN B 300 32.31 -23.48 2.17
N ASP B 301 32.76 -22.50 1.39
CA ASP B 301 34.09 -22.50 0.79
C ASP B 301 35.07 -21.59 1.53
N ILE B 302 34.86 -21.39 2.82
CA ILE B 302 35.68 -20.49 3.63
C ILE B 302 36.43 -21.35 4.65
N LYS B 303 37.75 -21.45 4.48
CA LYS B 303 38.51 -22.51 5.15
C LYS B 303 38.47 -22.39 6.68
N SER B 304 38.59 -21.18 7.21
CA SER B 304 38.58 -21.03 8.66
C SER B 304 37.18 -21.17 9.27
N PHE B 305 36.13 -21.37 8.45
CA PHE B 305 34.77 -21.52 8.93
C PHE B 305 34.30 -22.97 8.93
N GLU B 306 35.23 -23.92 8.77
CA GLU B 306 34.96 -25.35 8.62
C GLU B 306 34.02 -25.92 9.66
N ASN B 307 34.45 -25.91 10.93
CA ASN B 307 33.68 -26.48 12.02
C ASN B 307 32.69 -25.48 12.62
N LYS B 308 32.47 -24.34 11.98
CA LYS B 308 31.68 -23.26 12.55
C LYS B 308 30.25 -23.28 12.02
N LYS B 309 29.33 -22.79 12.86
CA LYS B 309 27.90 -22.84 12.61
C LYS B 309 27.34 -21.43 12.48
N GLY B 310 26.21 -21.32 11.79
CA GLY B 310 25.46 -20.09 11.72
C GLY B 310 25.43 -19.49 10.33
N GLY B 311 25.10 -18.20 10.27
CA GLY B 311 24.98 -17.47 9.01
C GLY B 311 26.23 -16.69 8.67
N VAL B 312 26.48 -16.53 7.37
CA VAL B 312 27.68 -15.87 6.87
C VAL B 312 27.33 -14.46 6.40
N SER B 313 28.16 -13.49 6.78
CA SER B 313 28.07 -12.09 6.34
C SER B 313 29.32 -11.71 5.56
N GLY B 314 29.28 -10.52 4.97
CA GLY B 314 30.45 -9.92 4.36
C GLY B 314 30.52 -10.10 2.86
N ALA B 315 31.75 -10.00 2.34
CA ALA B 315 31.95 -9.91 0.89
C ALA B 315 31.42 -11.13 0.15
N LYS B 316 31.41 -12.31 0.79
CA LYS B 316 30.89 -13.50 0.14
C LYS B 316 29.37 -13.48 0.03
N LEU B 317 28.71 -12.55 0.70
CA LEU B 317 27.26 -12.39 0.63
C LEU B 317 26.84 -11.34 -0.39
N LYS B 318 27.77 -10.55 -0.92
CA LYS B 318 27.41 -9.36 -1.71
C LYS B 318 26.60 -9.72 -2.95
N ASP B 319 27.14 -10.56 -3.83
CA ASP B 319 26.46 -10.86 -5.09
C ASP B 319 25.13 -11.55 -4.85
N ILE B 320 25.07 -12.45 -3.85
CA ILE B 320 23.82 -13.11 -3.53
C ILE B 320 22.75 -12.09 -3.17
N SER B 321 23.08 -11.16 -2.27
CA SER B 321 22.08 -10.22 -1.82
C SER B 321 21.73 -9.17 -2.88
N THR B 322 22.70 -8.75 -3.70
CA THR B 322 22.39 -7.83 -4.80
C THR B 322 21.41 -8.47 -5.78
N LYS B 323 21.67 -9.71 -6.16
CA LYS B 323 20.75 -10.40 -7.07
C LYS B 323 19.36 -10.51 -6.45
N PHE B 324 19.31 -10.80 -5.15
CA PHE B 324 18.04 -10.88 -4.43
C PHE B 324 17.30 -9.55 -4.46
N ILE B 325 18.01 -8.44 -4.29
CA ILE B 325 17.39 -7.12 -4.41
C ILE B 325 16.78 -6.94 -5.79
N CYS B 326 17.52 -7.27 -6.85
CA CYS B 326 16.97 -7.14 -8.21
C CYS B 326 15.70 -7.95 -8.37
N GLU B 327 15.67 -9.17 -7.81
CA GLU B 327 14.49 -10.02 -7.98
C GLU B 327 13.27 -9.43 -7.28
N MET B 328 13.45 -8.99 -6.03
CA MET B 328 12.31 -8.53 -5.25
C MET B 328 11.81 -7.16 -5.72
N TYR B 329 12.71 -6.29 -6.18
CA TYR B 329 12.31 -5.05 -6.81
C TYR B 329 11.33 -5.31 -7.95
N ASN B 330 11.61 -6.32 -8.77
CA ASN B 330 10.73 -6.61 -9.89
C ASN B 330 9.51 -7.39 -9.48
N TYR B 331 9.66 -8.35 -8.55
CA TYR B 331 8.51 -9.11 -8.09
C TYR B 331 7.48 -8.21 -7.43
N THR B 332 7.92 -7.16 -6.73
CA THR B 332 7.02 -6.18 -6.15
C THR B 332 6.76 -4.99 -7.07
N ASN B 333 7.12 -5.08 -8.34
CA ASN B 333 6.78 -4.06 -9.34
C ASN B 333 7.21 -2.67 -8.87
N LYS B 334 8.32 -2.61 -8.11
CA LYS B 334 8.97 -1.38 -7.65
C LYS B 334 8.14 -0.60 -6.65
N GLN B 335 7.15 -1.23 -6.02
CA GLN B 335 6.26 -0.53 -5.08
C GLN B 335 6.71 -0.60 -3.62
N ILE B 336 7.72 -1.42 -3.30
CA ILE B 336 8.15 -1.63 -1.93
C ILE B 336 9.60 -1.16 -1.80
N PRO B 337 9.88 -0.08 -1.07
CA PRO B 337 11.27 0.38 -0.92
C PRO B 337 12.15 -0.70 -0.31
N ILE B 338 13.44 -0.65 -0.65
CA ILE B 338 14.39 -1.69 -0.26
C ILE B 338 15.49 -1.09 0.60
N ILE B 339 15.78 -1.77 1.71
CA ILE B 339 16.94 -1.50 2.56
C ILE B 339 17.96 -2.60 2.24
N ALA B 340 19.13 -2.22 1.71
CA ALA B 340 20.14 -3.20 1.31
C ALA B 340 21.01 -3.60 2.48
N SER B 341 21.24 -4.91 2.64
CA SER B 341 22.20 -5.43 3.61
C SER B 341 22.90 -6.63 2.98
N GLY B 342 24.22 -6.63 3.04
CA GLY B 342 25.00 -7.75 2.53
C GLY B 342 26.23 -7.36 1.74
N GLY B 343 27.40 -7.43 2.39
CA GLY B 343 28.64 -7.28 1.65
C GLY B 343 28.96 -5.89 1.14
N ILE B 344 28.41 -4.85 1.75
CA ILE B 344 28.69 -3.48 1.33
C ILE B 344 29.94 -3.00 2.06
N PHE B 345 31.01 -2.73 1.31
CA PHE B 345 32.27 -2.21 1.85
C PHE B 345 32.67 -0.88 1.21
N SER B 346 32.38 -0.69 -0.05
CA SER B 346 32.90 0.43 -0.83
C SER B 346 31.77 1.28 -1.38
N GLY B 347 32.14 2.49 -1.82
CA GLY B 347 31.20 3.32 -2.55
C GLY B 347 30.60 2.59 -3.74
N LEU B 348 31.41 1.77 -4.40
CA LEU B 348 30.93 1.02 -5.56
C LEU B 348 29.94 -0.05 -5.15
N ASP B 349 30.21 -0.76 -4.05
CA ASP B 349 29.23 -1.71 -3.53
C ASP B 349 27.90 -1.03 -3.26
N ALA B 350 27.95 0.16 -2.65
CA ALA B 350 26.72 0.87 -2.28
C ALA B 350 25.93 1.27 -3.52
N LEU B 351 26.61 1.82 -4.54
CA LEU B 351 25.91 2.22 -5.76
C LEU B 351 25.32 1.01 -6.48
N GLU B 352 26.02 -0.14 -6.48
CA GLU B 352 25.43 -1.34 -7.05
C GLU B 352 24.11 -1.69 -6.37
N LYS B 353 24.06 -1.58 -5.03
CA LYS B 353 22.82 -1.89 -4.33
C LYS B 353 21.72 -0.91 -4.71
N ILE B 354 22.05 0.38 -4.72
CA ILE B 354 21.06 1.41 -5.05
C ILE B 354 20.57 1.24 -6.48
N GLU B 355 21.49 1.03 -7.43
CA GLU B 355 21.05 0.85 -8.81
C GLU B 355 20.23 -0.43 -8.96
N ALA B 356 20.49 -1.44 -8.14
CA ALA B 356 19.69 -2.67 -8.15
C ALA B 356 18.26 -2.44 -7.63
N GLY B 357 18.04 -1.39 -6.86
CA GLY B 357 16.70 -1.14 -6.36
C GLY B 357 16.66 -0.60 -4.94
N ALA B 358 17.79 -0.58 -4.25
CA ALA B 358 17.79 -0.20 -2.84
C ALA B 358 17.69 1.32 -2.71
N SER B 359 16.97 1.76 -1.69
CA SER B 359 16.92 3.18 -1.38
C SER B 359 17.94 3.62 -0.34
N VAL B 360 18.44 2.69 0.47
CA VAL B 360 19.32 3.02 1.60
C VAL B 360 20.15 1.77 1.90
N CYS B 361 21.31 1.97 2.55
CA CYS B 361 22.25 0.88 2.82
C CYS B 361 22.48 0.70 4.30
N GLN B 362 22.66 -0.56 4.71
CA GLN B 362 23.05 -0.92 6.07
C GLN B 362 24.42 -1.60 6.02
N LEU B 363 25.28 -1.24 6.97
CA LEU B 363 26.59 -1.85 7.08
C LEU B 363 26.71 -2.67 8.36
N TYR B 364 27.49 -3.76 8.27
CA TYR B 364 27.92 -4.49 9.45
C TYR B 364 29.37 -4.92 9.26
N SER B 365 29.60 -5.86 8.34
CA SER B 365 30.95 -6.36 8.11
C SER B 365 31.93 -5.25 7.75
N CYS B 366 31.47 -4.21 7.05
CA CYS B 366 32.36 -3.10 6.71
C CYS B 366 32.96 -2.47 7.97
N LEU B 367 32.14 -2.27 9.01
CA LEU B 367 32.65 -1.74 10.27
C LEU B 367 33.66 -2.68 10.89
N VAL B 368 33.41 -4.00 10.82
CA VAL B 368 34.32 -4.96 11.42
C VAL B 368 35.69 -4.90 10.73
N PHE B 369 35.71 -4.84 9.41
CA PHE B 369 36.98 -4.93 8.72
C PHE B 369 37.62 -3.59 8.41
N ASN B 370 36.83 -2.51 8.30
CA ASN B 370 37.38 -1.18 8.02
C ASN B 370 37.45 -0.28 9.25
N GLY B 371 36.71 -0.59 10.32
CA GLY B 371 36.93 0.08 11.60
C GLY B 371 36.22 1.41 11.74
N MET B 372 36.82 2.30 12.54
CA MET B 372 36.20 3.56 12.93
C MET B 372 35.90 4.46 11.73
N LYS B 373 36.73 4.41 10.68
CA LYS B 373 36.62 5.29 9.53
C LYS B 373 35.57 4.83 8.51
N SER B 374 34.81 3.78 8.82
CA SER B 374 33.95 3.13 7.82
C SER B 374 32.98 4.12 7.20
N ALA B 375 32.30 4.92 8.00
CA ALA B 375 31.27 5.79 7.45
C ALA B 375 31.88 6.99 6.71
N VAL B 376 32.92 7.61 7.27
CA VAL B 376 33.56 8.72 6.56
C VAL B 376 34.03 8.29 5.17
N GLN B 377 34.63 7.11 5.10
CA GLN B 377 35.25 6.64 3.86
C GLN B 377 34.20 6.29 2.82
N ILE B 378 33.18 5.53 3.22
CA ILE B 378 32.22 5.09 2.22
C ILE B 378 31.36 6.26 1.74
N LYS B 379 31.09 7.25 2.59
CA LYS B 379 30.32 8.40 2.13
C LYS B 379 31.10 9.21 1.10
N ARG B 380 32.42 9.35 1.31
CA ARG B 380 33.28 10.09 0.39
C ARG B 380 33.38 9.37 -0.95
N GLU B 381 33.58 8.05 -0.91
CA GLU B 381 33.63 7.25 -2.14
C GLU B 381 32.33 7.41 -2.93
N LEU B 382 31.19 7.33 -2.24
CA LEU B 382 29.93 7.41 -2.94
C LEU B 382 29.73 8.78 -3.57
N ASN B 383 30.12 9.85 -2.89
CA ASN B 383 30.00 11.18 -3.48
C ASN B 383 30.85 11.29 -4.75
N HIS B 384 32.06 10.73 -4.72
CA HIS B 384 32.92 10.81 -5.90
C HIS B 384 32.32 10.01 -7.05
N LEU B 385 31.72 8.85 -6.74
CA LEU B 385 31.07 8.04 -7.77
C LEU B 385 29.86 8.74 -8.36
N LEU B 386 29.01 9.32 -7.51
CA LEU B 386 27.86 10.07 -8.04
C LEU B 386 28.31 11.16 -9.01
N TYR B 387 29.45 11.79 -8.72
CA TYR B 387 30.03 12.77 -9.63
C TYR B 387 30.54 12.09 -10.90
N GLN B 388 31.33 11.03 -10.74
CA GLN B 388 31.88 10.32 -11.91
C GLN B 388 30.78 9.78 -12.80
N ARG B 389 29.71 9.28 -12.20
CA ARG B 389 28.66 8.61 -12.97
C ARG B 389 27.65 9.58 -13.56
N GLY B 390 27.74 10.88 -13.26
CA GLY B 390 26.86 11.86 -13.85
C GLY B 390 25.48 11.97 -13.23
N TYR B 391 25.28 11.41 -12.03
CA TYR B 391 24.00 11.55 -11.34
C TYR B 391 23.86 12.94 -10.75
N TYR B 392 22.65 13.50 -10.77
CA TYR B 392 22.41 14.75 -10.06
C TYR B 392 22.35 14.49 -8.55
N ASN B 393 21.59 13.49 -8.11
CA ASN B 393 21.58 13.08 -6.71
C ASN B 393 21.47 11.57 -6.62
N LEU B 394 21.57 11.06 -5.39
CA LEU B 394 21.47 9.62 -5.17
C LEU B 394 20.08 9.09 -5.52
N LYS B 395 19.03 9.83 -5.17
CA LYS B 395 17.67 9.37 -5.46
C LYS B 395 17.49 9.03 -6.94
N GLU B 396 18.19 9.76 -7.83
CA GLU B 396 18.09 9.51 -9.26
C GLU B 396 18.59 8.11 -9.64
N ALA B 397 19.49 7.51 -8.84
CA ALA B 397 20.09 6.23 -9.18
C ALA B 397 19.26 5.03 -8.72
N ILE B 398 18.26 5.23 -7.87
CA ILE B 398 17.56 4.09 -7.27
C ILE B 398 16.89 3.28 -8.36
N GLY B 399 17.23 1.99 -8.45
CA GLY B 399 16.65 1.11 -9.45
C GLY B 399 17.07 1.38 -10.88
N ARG B 400 18.12 2.17 -11.08
CA ARG B 400 18.49 2.55 -12.44
C ARG B 400 19.00 1.38 -13.28
N LYS B 401 19.45 0.29 -12.65
CA LYS B 401 19.78 -0.92 -13.40
C LYS B 401 18.59 -1.39 -14.24
N HIS B 402 17.37 -1.16 -13.77
CA HIS B 402 16.18 -1.58 -14.50
C HIS B 402 15.59 -0.39 -15.25
N1 FMN C . -17.22 5.72 -4.28
C2 FMN C . -15.98 5.55 -5.07
O2 FMN C . -15.81 6.16 -6.07
N3 FMN C . -14.97 4.59 -4.60
C4 FMN C . -15.17 3.84 -3.38
O4 FMN C . -14.35 3.08 -3.01
C4A FMN C . -16.43 4.04 -2.59
N5 FMN C . -16.65 3.30 -1.36
C5A FMN C . -17.92 3.50 -0.61
C6 FMN C . -18.12 2.77 0.58
C7 FMN C . -19.31 2.95 1.29
C7M FMN C . -19.28 2.06 2.53
C8 FMN C . -20.28 3.86 0.83
C8M FMN C . -21.56 4.04 1.63
C9 FMN C . -20.08 4.59 -0.35
C9A FMN C . -18.90 4.41 -1.07
N10 FMN C . -18.66 5.16 -2.33
C10 FMN C . -17.43 4.97 -3.06
C1' FMN C . -19.64 6.12 -2.82
C2' FMN C . -20.70 5.42 -3.67
O2' FMN C . -20.12 4.84 -4.81
C3' FMN C . -21.76 6.44 -4.07
O3' FMN C . -21.16 7.41 -4.87
C4' FMN C . -22.41 7.09 -2.85
O4' FMN C . -22.80 6.12 -1.92
C5' FMN C . -23.64 7.89 -3.29
O5' FMN C . -24.55 6.99 -3.88
P FMN C . -25.89 6.54 -3.01
O1P FMN C . -25.46 5.64 -1.89
O2P FMN C . -26.81 5.78 -3.90
O3P FMN C . -26.57 7.80 -2.49
N1 ORO D . -15.99 6.36 0.73
C2 ORO D . -16.82 7.17 -0.14
O2 ORO D . -17.89 7.52 0.26
N3 ORO D . -16.37 7.54 -1.44
C4 ORO D . -15.10 7.12 -1.91
O4 ORO D . -14.69 7.42 -2.98
C5 ORO D . -14.23 6.28 -1.00
C6 ORO D . -14.67 5.93 0.22
C7 ORO D . -13.77 5.12 1.11
O71 ORO D . -13.21 4.05 0.71
O72 ORO D . -13.59 5.60 2.25
C3 DZB E . -25.14 -2.56 5.04
C4 DZB E . -24.17 -2.68 3.80
N2 DZB E . -24.76 -1.47 5.80
C11 DZB E . -27.72 -5.43 4.59
C12 DZB E . -27.45 -6.69 3.78
C13 DZB E . -27.27 -6.33 2.30
C14 DZB E . -26.11 -6.67 1.67
C15 DZB E . -25.93 -6.35 0.33
C16 DZB E . -26.92 -5.70 -0.38
C17 DZB E . -28.09 -5.35 0.27
C18 DZB E . -28.27 -5.65 1.61
C19 DZB E . -28.55 -7.73 3.98
C20 DZB E . -29.04 -7.96 5.26
C21 DZB E . -30.04 -8.91 5.46
C22 DZB E . -30.56 -9.62 4.40
C23 DZB E . -30.07 -9.40 3.11
C24 DZB E . -29.07 -8.46 2.91
C9 DZB E . -26.31 -3.50 5.33
N10 DZB E . -26.62 -4.53 4.35
N5 DZB E . -23.24 -1.67 3.87
O27 DZB E . -26.94 -3.40 6.33
O7 DZB E . -24.24 -3.68 2.81
S6 DZB E . -23.55 -0.83 5.10
C3 DZB F . 34.54 -7.89 15.53
C4 DZB F . 33.14 -7.26 15.88
N2 DZB F . 34.36 -9.24 15.21
C11 DZB F . 36.97 -4.85 15.75
C12 DZB F . 36.72 -3.59 16.57
C13 DZB F . 35.49 -2.87 16.05
C14 DZB F . 34.43 -2.64 16.92
C15 DZB F . 33.30 -1.98 16.47
C16 DZB F . 33.21 -1.55 15.16
C17 DZB F . 34.25 -1.78 14.29
C18 DZB F . 35.38 -2.44 14.73
C19 DZB F . 37.96 -2.67 16.66
C20 DZB F . 37.93 -1.36 16.18
C21 DZB F . 39.05 -0.55 16.28
C22 DZB F . 40.21 -1.04 16.85
C23 DZB F . 40.24 -2.34 17.33
C24 DZB F . 39.12 -3.15 17.24
C9 DZB F . 35.85 -7.11 15.56
N10 DZB F . 35.77 -5.66 15.72
N5 DZB F . 32.18 -8.24 15.77
O27 DZB F . 36.88 -7.69 15.45
O7 DZB F . 32.95 -5.92 16.25
S6 DZB F . 32.86 -9.54 15.34
N1 FMN G . 20.41 -9.26 11.70
C2 FMN G . 19.13 -9.06 12.36
O2 FMN G . 18.20 -8.80 11.69
N3 FMN G . 19.04 -9.18 13.85
C4 FMN G . 20.22 -9.48 14.64
O4 FMN G . 20.15 -9.57 15.82
C4A FMN G . 21.52 -9.70 13.92
N5 FMN G . 22.70 -10.04 14.66
C5A FMN G . 24.00 -10.20 13.94
C6 FMN G . 25.17 -10.51 14.67
C7 FMN G . 26.39 -10.67 14.00
C7M FMN G . 27.46 -11.00 15.04
C8 FMN G . 26.44 -10.55 12.60
C8M FMN G . 27.76 -10.73 11.86
C9 FMN G . 25.28 -10.24 11.87
C9A FMN G . 24.06 -10.07 12.54
N10 FMN G . 22.83 -9.75 11.77
C10 FMN G . 21.59 -9.57 12.47
C1' FMN G . 22.84 -9.61 10.31
C2' FMN G . 23.31 -8.21 9.93
O2' FMN G . 22.35 -7.27 10.36
C3' FMN G . 23.46 -8.12 8.41
O3' FMN G . 22.19 -8.31 7.82
C4' FMN G . 24.44 -9.19 7.89
O4' FMN G . 25.60 -9.21 8.67
C5' FMN G . 24.81 -8.91 6.42
O5' FMN G . 25.36 -7.62 6.27
P FMN G . 26.99 -7.46 6.07
O1P FMN G . 27.70 -7.88 7.35
O2P FMN G . 27.25 -5.99 5.82
O3P FMN G . 27.39 -8.29 4.88
N1 ORO H . 22.48 -13.65 13.49
C2 ORO H . 22.27 -13.29 12.11
O2 ORO H . 23.15 -13.45 11.34
N3 ORO H . 21.02 -12.73 11.71
C4 ORO H . 19.97 -12.53 12.64
O4 ORO H . 18.92 -12.09 12.31
C5 ORO H . 20.19 -12.94 14.09
C6 ORO H . 21.37 -13.45 14.46
C7 ORO H . 21.60 -13.89 15.89
O71 ORO H . 22.09 -15.05 16.01
O72 ORO H . 21.28 -13.19 16.88
#